data_5B16
#
_entry.id   5B16
#
_cell.length_a   117.254
_cell.length_b   118.136
_cell.length_c   122.296
_cell.angle_alpha   90.00
_cell.angle_beta   102.07
_cell.angle_gamma   90.00
#
_symmetry.space_group_name_H-M   'C 1 2 1'
#
loop_
_entity.id
_entity.type
_entity.pdbx_description
1 polymer 'Ribonuclease 3,DROSHA,Ribonuclease 3,DROSHA,Ribonuclease 3'
2 polymer 'Microprocessor complex subunit DGCR8'
3 non-polymer 'ZINC ION'
#
loop_
_entity_poly.entity_id
_entity_poly.type
_entity_poly.pdbx_seq_one_letter_code
_entity_poly.pdbx_strand_id
1 'polypeptide(L)'
;MAKEPEETMPDKNEEEEEELLKPVWIRCTHSENYYSSDPMDQVGDSTVVGTSRLRDLYDKFEEELGSRQEK(UNK)
(UNK)(UNK)(UNK)(UNK)(UNK)(UNK)(UNK)(UNK)(UNK)(UNK)(UNK)(UNK)(UNK)(UNK)(UNK)(UNK)
(UNK)(UNK)(UNK)(UNK)(UNK)(UNK)(UNK)(UNK)(UNK)(UNK)(UNK)(UNK)(UNK)(UNK)(UNK)(UNK)
(UNK)(UNK)(UNK)(UNK)(UNK)(UNK)(UNK)(UNK)(UNK)(UNK)(UNK)(UNK)(UNK)(UNK)(UNK)(UNK)
(UNK)(UNK)(UNK)(UNK)(UNK)(UNK)(UNK)(UNK)(UNK)(UNK)(UNK)(UNK)(UNK)(UNK)LWYNDPGQMN
DGPLCKCSAKARRTGIRHSIYPGEEAIKPCRPMTNNAGRLFHYRITVSPPTNFLTDRPTVIEYDDHEYIFEGFSMFAHAP
LTNIPLCKVIRFNIDYTIHFIEEMMPENFCVKGLELFSLFLFRDILELYDWNLKGPLFEDSPPCCPRFHFMPRFVRFLPD
GGKEVLSMHQILLYLLRCSK(UNK)(UNK)(UNK)(UNK)(UNK)(UNK)(UNK)(UNK)(UNK)(UNK)(UNK)(UNK)
(UNK)(UNK)(UNK)(UNK)(UNK)(UNK)(UNK)(UNK)(UNK)(UNK)(UNK)(UNK)(UNK)(UNK)(UNK)(UNK)
(UNK)(UNK)(UNK)(UNK)(UNK)(UNK)(UNK)(UNK)(UNK)(UNK)(UNK)(UNK)(UNK)(UNK)(UNK)(UNK)
(UNK)(UNK)(UNK)(UNK)(UNK)(UNK)(UNK)(UNK)(UNK)(UNK)(UNK)(UNK)(UNK)(UNK)(UNK)(UNK)
(UNK)(UNK)(UNK)(UNK)(UNK)(UNK)(UNK)(UNK)(UNK)(UNK)(UNK)(UNK)(UNK)(UNK)(UNK)(UNK)
(UNK)(UNK)(UNK)(UNK)(UNK)(UNK)(UNK)(UNK)(UNK)(UNK)(UNK)(UNK)(UNK)(UNK)(UNK)(UNK)
(UNK)(UNK)(UNK)(UNK)(UNK)(UNK)(UNK)(UNK)(UNK)(UNK)(UNK)(UNK)(UNK)(UNK)(UNK)(UNK)
(UNK)(UNK)(UNK)(UNK)(UNK)(UNK)(UNK)(UNK)(UNK)(UNK)(UNK)(UNK)(UNK)(UNK)(UNK)(UNK)
(UNK)(UNK)(UNK)(UNK)(UNK)(UNK)(UNK)(UNK)(UNK)(UNK)(UNK)(UNK)(UNK)(UNK)TGIRSDVCQH
AMMLPVLTHHIRYHQCLMHLDKLIGYTFQDRCLLQLAMTHPSHHLNFGMNPDHARNSLSNCGIRQPKYGDRKVHHMHMRK
KGINTLINIMSRLGQDDPTPSRINHNERLEFLGDAVVEFLTSVHLYYLFPSLEEGGLATYRTAIVQNQHLAMLAKKLELD
RFMLYAHGPDLCRESDLRHAMANCFQALIGAVYLEGSLEEAKQLFGRLLFNDPDLREVWLNYPLHPLQLQEPNTDRQLIE
TSPVLQKLTEFEEAIGVIFTHVRLLARAFTLRTVGFNHLTLGHNQRMEFLGDSIMQLVATEYLFIHFPDHHEGHLTLLRS
SLVNNRTQAKVAEELGMQEYAITNDKTKRPVALRTKTLADLLQSFIAALYIDKDLEYVHTFMNVCFFPRLKEFILNQDWN
DPKSQLQQCCLTLRTEGKEPDIPLYKTLQTVGPSHARTYTVAVYFKGERIGCGKGPSIQQAEMGAAMDALEKYNFPQMAH
QKRFIERKYRQELKEMRWEREHQERESRLEVLFQ
;
A
2 'polypeptide(L)' MANLHILSKLQEEMKRLAEEREETRHGGSRGDMLEVLFQ B,C
#
# COMPACT_ATOMS: atom_id res chain seq x y z
N VAL A 24 -24.54 24.86 -14.67
CA VAL A 24 -25.19 23.57 -14.44
C VAL A 24 -26.06 23.62 -13.20
N TRP A 25 -27.38 23.59 -13.40
CA TRP A 25 -28.33 23.64 -12.29
C TRP A 25 -29.19 22.38 -12.26
N ILE A 26 -29.44 21.88 -11.05
CA ILE A 26 -30.21 20.65 -10.88
C ILE A 26 -31.64 20.98 -10.45
N ARG A 27 -32.61 20.26 -11.01
CA ARG A 27 -34.01 20.54 -10.77
C ARG A 27 -34.81 19.25 -10.60
N CYS A 28 -35.91 19.33 -9.85
CA CYS A 28 -36.78 18.17 -9.64
C CYS A 28 -38.12 18.34 -10.35
N THR A 29 -38.88 17.26 -10.44
CA THR A 29 -40.21 17.31 -11.01
C THR A 29 -41.19 17.87 -9.99
N HIS A 30 -42.35 18.30 -10.46
CA HIS A 30 -43.34 18.95 -9.60
C HIS A 30 -43.88 18.00 -8.53
N SER A 31 -44.28 18.58 -7.40
CA SER A 31 -44.85 17.81 -6.30
C SER A 31 -46.36 17.69 -6.46
N GLU A 32 -46.83 16.49 -6.78
CA GLU A 32 -48.25 16.25 -6.98
C GLU A 32 -48.99 16.18 -5.64
N ASN A 33 -48.94 17.27 -4.89
CA ASN A 33 -49.54 17.37 -3.56
C ASN A 33 -48.94 16.39 -2.54
N TYR A 34 -47.93 15.64 -2.96
CA TYR A 34 -47.22 14.74 -2.06
C TYR A 34 -46.25 15.53 -1.20
N TYR A 35 -45.27 16.15 -1.86
CA TYR A 35 -44.27 16.94 -1.18
C TYR A 35 -44.69 18.41 -1.09
N SER A 36 -44.15 19.14 -0.12
CA SER A 36 -44.49 20.54 0.06
C SER A 36 -43.28 21.38 0.41
N SER A 37 -43.09 22.48 -0.33
CA SER A 37 -41.95 23.37 -0.10
C SER A 37 -42.39 24.63 0.63
N ASP A 38 -43.43 24.51 1.45
CA ASP A 38 -43.93 25.63 2.24
C ASP A 38 -42.91 26.04 3.29
N PRO A 39 -42.68 27.35 3.46
CA PRO A 39 -41.67 27.86 4.38
C PRO A 39 -41.99 27.60 5.85
N MET A 40 -43.26 27.75 6.22
CA MET A 40 -43.66 27.64 7.63
C MET A 40 -44.10 26.21 7.99
N ASP A 41 -44.29 25.37 6.98
CA ASP A 41 -44.68 23.99 7.23
C ASP A 41 -43.48 23.07 7.35
N GLN A 42 -42.30 23.65 7.50
CA GLN A 42 -41.06 22.87 7.60
C GLN A 42 -40.75 22.49 9.03
N VAL A 43 -40.28 21.25 9.22
CA VAL A 43 -39.94 20.74 10.54
C VAL A 43 -38.43 20.57 10.69
N GLY A 44 -37.80 21.47 11.45
CA GLY A 44 -36.36 21.45 11.62
C GLY A 44 -35.68 22.28 10.55
N ASP A 45 -34.51 21.80 10.10
CA ASP A 45 -33.80 22.46 9.01
C ASP A 45 -34.18 21.84 7.67
N SER A 46 -35.40 21.32 7.59
CA SER A 46 -35.88 20.68 6.37
C SER A 46 -36.40 21.71 5.37
N THR A 47 -36.38 21.35 4.09
CA THR A 47 -36.85 22.22 3.03
C THR A 47 -38.15 21.73 2.42
N VAL A 48 -38.23 20.44 2.17
CA VAL A 48 -39.41 19.83 1.54
C VAL A 48 -40.08 18.82 2.46
N VAL A 49 -41.36 19.04 2.73
CA VAL A 49 -42.10 18.21 3.68
C VAL A 49 -43.15 17.34 2.99
N GLY A 50 -43.26 16.09 3.44
CA GLY A 50 -44.26 15.19 2.90
C GLY A 50 -45.63 15.43 3.51
N THR A 51 -46.64 15.58 2.65
CA THR A 51 -48.00 15.86 3.11
C THR A 51 -48.71 14.58 3.53
N SER A 52 -50.03 14.64 3.62
CA SER A 52 -50.83 13.51 4.07
C SER A 52 -51.22 12.59 2.91
N ARG A 53 -50.49 12.70 1.80
CA ARG A 53 -50.76 11.87 0.63
C ARG A 53 -49.61 10.90 0.38
N LEU A 54 -48.49 11.12 1.07
CA LEU A 54 -47.33 10.24 0.94
C LEU A 54 -47.46 9.01 1.81
N ARG A 55 -48.10 9.16 2.96
CA ARG A 55 -48.27 8.06 3.91
C ARG A 55 -49.06 6.91 3.30
N ASP A 56 -50.08 7.25 2.51
CA ASP A 56 -50.91 6.26 1.85
C ASP A 56 -50.11 5.47 0.81
N LEU A 57 -49.34 6.19 0.00
CA LEU A 57 -48.50 5.58 -1.02
C LEU A 57 -47.43 4.70 -0.39
N TYR A 58 -46.93 5.13 0.76
CA TYR A 58 -45.91 4.38 1.49
C TYR A 58 -46.49 3.09 2.08
N ASP A 59 -47.72 3.18 2.57
CA ASP A 59 -48.39 2.00 3.10
C ASP A 59 -48.72 1.01 1.99
N LYS A 60 -49.12 1.52 0.83
CA LYS A 60 -49.43 0.70 -0.32
C LYS A 60 -48.16 0.00 -0.83
N PHE A 61 -47.07 0.76 -0.91
CA PHE A 61 -45.78 0.23 -1.33
C PHE A 61 -45.25 -0.80 -0.35
N GLU A 62 -45.53 -0.59 0.93
CA GLU A 62 -45.03 -1.46 1.98
C GLU A 62 -45.83 -2.76 2.07
N GLU A 63 -47.12 -2.68 1.77
CA GLU A 63 -48.00 -3.83 1.89
C GLU A 63 -48.04 -4.67 0.63
N GLU A 64 -47.95 -4.01 -0.53
CA GLU A 64 -47.99 -4.73 -1.80
C GLU A 64 -46.61 -5.23 -2.23
N LEU A 65 -45.58 -4.46 -1.92
CA LEU A 65 -44.22 -4.87 -2.22
C LEU A 65 -43.47 -5.25 -0.94
N GLY A 66 -44.06 -6.14 -0.17
CA GLY A 66 -43.45 -6.65 1.05
C GLY A 66 -43.66 -8.14 1.16
N SER A 67 -43.71 -8.80 0.00
CA SER A 67 -43.94 -10.24 -0.05
C SER A 67 -42.64 -11.03 0.09
N ARG A 68 -41.54 -10.30 0.24
CA ARG A 68 -40.21 -10.91 0.35
C ARG A 68 -40.06 -11.71 1.65
N GLN A 69 -40.41 -11.08 2.77
CA GLN A 69 -40.22 -11.70 4.07
C GLN A 69 -41.37 -12.63 4.46
N GLU A 70 -42.36 -12.75 3.57
CA GLU A 70 -43.49 -13.63 3.82
C GLU A 70 -43.10 -15.09 3.60
N LYS A 71 -42.66 -15.40 2.38
CA LYS A 71 -42.27 -16.76 2.03
C LYS A 71 -40.77 -16.97 2.21
N UNK A 118 -15.84 -30.35 -4.64
CA UNK A 118 -16.75 -29.39 -5.26
C UNK A 118 -18.20 -29.89 -5.19
N UNK A 119 -18.36 -31.18 -4.90
CA UNK A 119 -19.69 -31.78 -4.81
C UNK A 119 -20.35 -31.45 -3.47
N UNK A 120 -19.55 -31.43 -2.41
CA UNK A 120 -20.05 -31.14 -1.06
C UNK A 120 -20.52 -29.70 -0.96
N UNK A 121 -19.97 -28.83 -1.80
CA UNK A 121 -20.37 -27.43 -1.81
C UNK A 121 -21.79 -27.28 -2.34
N UNK A 122 -22.09 -27.95 -3.45
CA UNK A 122 -23.42 -27.92 -4.04
C UNK A 122 -24.39 -28.76 -3.21
N UNK A 123 -23.86 -29.72 -2.47
CA UNK A 123 -24.68 -30.59 -1.62
C UNK A 123 -25.17 -29.83 -0.38
N UNK A 124 -24.32 -28.95 0.13
CA UNK A 124 -24.66 -28.17 1.32
C UNK A 124 -25.63 -27.04 0.97
N UNK A 125 -25.79 -26.77 -0.32
CA UNK A 125 -26.70 -25.74 -0.78
C UNK A 125 -28.08 -26.31 -1.08
N UNK A 126 -28.26 -27.59 -0.76
CA UNK A 126 -29.53 -28.27 -1.00
C UNK A 126 -30.48 -28.12 0.18
N UNK A 127 -31.47 -27.23 0.02
CA UNK A 127 -32.49 -27.01 1.04
C UNK A 127 -33.73 -26.40 0.40
N UNK A 128 -33.53 -25.34 -0.36
CA UNK A 128 -34.60 -24.69 -1.10
C UNK A 128 -34.06 -24.09 -2.39
N UNK A 129 -33.56 -24.96 -3.27
CA UNK A 129 -32.92 -24.54 -4.51
C UNK A 129 -33.90 -23.84 -5.45
N UNK A 130 -33.35 -23.08 -6.39
CA UNK A 130 -34.17 -22.35 -7.36
C UNK A 130 -34.01 -22.95 -8.75
N UNK A 131 -33.04 -22.43 -9.51
CA UNK A 131 -32.80 -22.91 -10.86
C UNK A 131 -31.31 -23.20 -11.09
N UNK A 132 -31.05 -24.07 -12.06
CA UNK A 132 -29.68 -24.46 -12.42
C UNK A 132 -28.90 -24.99 -11.22
N UNK A 133 -27.62 -24.65 -11.15
CA UNK A 133 -26.76 -25.10 -10.06
C UNK A 133 -26.92 -24.22 -8.84
N LEU A 135 -26.59 -21.45 -11.21
CA LEU A 135 -26.76 -20.23 -10.43
C LEU A 135 -26.11 -20.34 -9.07
N TRP A 136 -26.08 -19.23 -8.33
CA TRP A 136 -25.52 -19.21 -6.98
C TRP A 136 -26.29 -18.24 -6.10
N TYR A 137 -27.04 -18.78 -5.14
CA TYR A 137 -27.82 -17.95 -4.22
C TYR A 137 -26.97 -17.51 -3.04
N ASN A 138 -27.44 -16.50 -2.31
CA ASN A 138 -26.67 -15.94 -1.21
C ASN A 138 -27.26 -16.29 0.15
N ASP A 139 -26.39 -16.58 1.12
CA ASP A 139 -26.80 -16.88 2.48
C ASP A 139 -26.24 -15.87 3.46
N PRO A 140 -27.06 -15.43 4.42
CA PRO A 140 -26.67 -14.42 5.40
C PRO A 140 -25.55 -14.88 6.33
N GLY A 141 -24.30 -14.59 5.96
CA GLY A 141 -23.16 -14.92 6.80
C GLY A 141 -22.20 -15.91 6.18
N GLN A 142 -22.70 -16.69 5.21
CA GLN A 142 -21.87 -17.73 4.60
C GLN A 142 -21.41 -17.34 3.19
N MET A 143 -20.22 -17.81 2.83
CA MET A 143 -19.63 -17.55 1.52
C MET A 143 -20.06 -18.62 0.53
N ASN A 144 -19.37 -18.72 -0.60
CA ASN A 144 -19.60 -19.78 -1.57
C ASN A 144 -19.28 -21.14 -0.97
N ASP A 145 -18.28 -21.18 -0.09
CA ASP A 145 -17.87 -22.41 0.57
C ASP A 145 -17.85 -22.22 2.08
N GLY A 146 -18.90 -22.71 2.74
CA GLY A 146 -19.02 -22.58 4.18
C GLY A 146 -19.21 -21.15 4.62
N PRO A 147 -19.10 -20.89 5.93
CA PRO A 147 -19.23 -19.53 6.46
C PRO A 147 -18.03 -18.66 6.12
N LEU A 148 -18.21 -17.35 6.23
CA LEU A 148 -17.12 -16.41 5.94
C LEU A 148 -16.49 -15.93 7.25
N CYS A 149 -16.75 -16.66 8.33
CA CYS A 149 -16.20 -16.30 9.62
C CYS A 149 -15.89 -17.53 10.48
N LYS A 150 -14.70 -17.55 11.05
CA LYS A 150 -14.29 -18.61 11.96
C LYS A 150 -13.27 -18.08 12.95
N CYS A 151 -13.61 -16.99 13.61
CA CYS A 151 -12.71 -16.34 14.56
C CYS A 151 -13.14 -16.60 16.01
N SER A 152 -13.78 -15.61 16.63
CA SER A 152 -14.22 -15.74 18.01
C SER A 152 -15.41 -14.84 18.32
N ALA A 153 -15.69 -14.65 19.61
CA ALA A 153 -16.81 -13.81 20.04
C ALA A 153 -16.37 -12.35 20.16
N LYS A 154 -15.24 -12.13 20.81
CA LYS A 154 -14.69 -10.78 20.95
C LYS A 154 -13.92 -10.35 19.71
N ALA A 155 -13.87 -11.26 18.72
CA ALA A 155 -13.18 -10.98 17.47
C ALA A 155 -14.04 -10.13 16.54
N ARG A 156 -15.28 -9.91 16.92
CA ARG A 156 -16.20 -9.08 16.15
C ARG A 156 -15.82 -7.60 16.27
N ARG A 157 -15.68 -7.12 17.50
CA ARG A 157 -15.43 -5.71 17.75
C ARG A 157 -13.99 -5.30 17.43
N THR A 158 -13.13 -6.29 17.18
CA THR A 158 -11.74 -6.00 16.82
C THR A 158 -11.45 -6.43 15.38
N GLY A 159 -12.51 -6.79 14.65
CA GLY A 159 -12.38 -7.16 13.25
C GLY A 159 -12.94 -6.09 12.34
N ILE A 160 -12.33 -5.92 11.17
CA ILE A 160 -12.74 -4.88 10.25
C ILE A 160 -13.63 -5.43 9.12
N ARG A 161 -13.52 -6.73 8.87
CA ARG A 161 -14.37 -7.38 7.88
C ARG A 161 -15.79 -7.51 8.43
N HIS A 162 -15.90 -7.50 9.75
CA HIS A 162 -17.19 -7.56 10.42
C HIS A 162 -17.86 -6.19 10.44
N SER A 163 -17.33 -5.26 9.65
CA SER A 163 -17.85 -3.89 9.55
C SER A 163 -17.87 -3.19 10.90
N ILE A 164 -16.73 -3.21 11.58
CA ILE A 164 -16.58 -2.49 12.85
C ILE A 164 -15.44 -1.48 12.75
N TYR A 165 -15.81 -0.22 12.54
CA TYR A 165 -14.83 0.85 12.39
C TYR A 165 -14.71 1.66 13.68
N PRO A 166 -13.47 1.84 14.16
CA PRO A 166 -13.21 2.59 15.38
C PRO A 166 -13.54 4.08 15.24
N GLY A 167 -14.51 4.55 16.02
CA GLY A 167 -14.93 5.94 15.98
C GLY A 167 -16.38 6.08 15.58
N GLU A 168 -16.94 5.02 15.01
CA GLU A 168 -18.33 5.03 14.58
C GLU A 168 -19.29 4.71 15.72
N GLU A 169 -20.12 5.68 16.07
CA GLU A 169 -21.08 5.53 17.16
C GLU A 169 -22.48 5.28 16.64
N ALA A 170 -23.48 5.74 17.39
CA ALA A 170 -24.87 5.60 17.00
C ALA A 170 -25.31 6.78 16.14
N ILE A 171 -25.86 6.49 14.97
CA ILE A 171 -26.30 7.53 14.05
C ILE A 171 -27.68 8.04 14.43
N LYS A 172 -27.75 9.31 14.82
CA LYS A 172 -29.01 9.92 15.24
C LYS A 172 -30.03 9.92 14.10
N PRO A 173 -31.19 9.31 14.33
CA PRO A 173 -32.27 9.25 13.34
C PRO A 173 -32.66 10.65 12.85
N CYS A 174 -32.67 10.83 11.54
CA CYS A 174 -32.96 12.12 10.94
C CYS A 174 -34.41 12.54 11.15
N ARG A 175 -35.25 12.25 10.17
CA ARG A 175 -36.66 12.60 10.22
C ARG A 175 -37.50 11.42 9.71
N PRO A 176 -38.73 11.28 10.23
CA PRO A 176 -39.62 10.21 9.77
C PRO A 176 -39.83 10.22 8.26
N MET A 177 -40.57 11.21 7.76
CA MET A 177 -40.76 11.35 6.33
C MET A 177 -39.90 12.47 5.77
N THR A 178 -40.26 13.70 6.14
CA THR A 178 -39.59 14.93 5.70
C THR A 178 -38.08 14.81 5.50
N ASN A 179 -37.57 15.38 4.41
CA ASN A 179 -36.15 15.33 4.11
C ASN A 179 -35.31 16.09 5.13
N ASN A 180 -34.00 16.02 4.98
CA ASN A 180 -33.10 16.66 5.94
C ASN A 180 -31.97 17.41 5.26
N ALA A 181 -32.26 18.62 4.82
CA ALA A 181 -31.25 19.47 4.17
C ALA A 181 -30.21 19.96 5.17
N GLY A 182 -30.61 20.05 6.43
CA GLY A 182 -29.72 20.51 7.49
C GLY A 182 -29.16 19.35 8.30
N ARG A 183 -29.10 18.18 7.68
CA ARG A 183 -28.57 17.00 8.35
C ARG A 183 -27.88 16.08 7.34
N LEU A 184 -28.38 16.08 6.11
CA LEU A 184 -27.82 15.24 5.05
C LEU A 184 -27.02 16.07 4.05
N PHE A 185 -25.76 15.70 3.88
CA PHE A 185 -24.90 16.30 2.87
C PHE A 185 -24.97 15.47 1.59
N HIS A 186 -25.37 16.09 0.50
CA HIS A 186 -25.62 15.37 -0.75
C HIS A 186 -24.38 15.28 -1.63
N TYR A 187 -24.23 14.12 -2.27
CA TYR A 187 -23.18 13.88 -3.24
C TYR A 187 -23.74 13.05 -4.39
N ARG A 188 -23.17 13.20 -5.57
CA ARG A 188 -23.59 12.43 -6.74
C ARG A 188 -22.52 11.42 -7.12
N ILE A 189 -22.95 10.17 -7.27
CA ILE A 189 -22.02 9.07 -7.51
C ILE A 189 -22.01 8.62 -8.98
N THR A 190 -20.86 8.75 -9.62
CA THR A 190 -20.68 8.31 -11.00
C THR A 190 -19.50 7.36 -11.09
N VAL A 191 -19.35 6.71 -12.24
CA VAL A 191 -18.27 5.75 -12.45
C VAL A 191 -17.49 6.07 -13.72
N SER A 192 -16.17 6.26 -13.58
CA SER A 192 -15.32 6.57 -14.72
C SER A 192 -14.14 5.62 -14.83
N PRO A 193 -13.92 5.04 -16.02
CA PRO A 193 -14.70 5.26 -17.24
C PRO A 193 -15.94 4.37 -17.31
N PRO A 194 -16.99 4.83 -18.01
CA PRO A 194 -18.24 4.08 -18.16
C PRO A 194 -18.15 2.96 -19.20
N THR A 195 -17.49 1.87 -18.85
CA THR A 195 -17.38 0.72 -19.74
C THR A 195 -18.55 -0.24 -19.51
N ASN A 196 -18.86 -0.49 -18.24
CA ASN A 196 -19.98 -1.34 -17.89
C ASN A 196 -21.14 -0.55 -17.32
N PHE A 197 -21.39 0.62 -17.92
CA PHE A 197 -22.49 1.48 -17.49
C PHE A 197 -23.62 1.47 -18.53
N LEU A 198 -23.41 2.18 -19.63
CA LEU A 198 -24.44 2.36 -20.65
C LEU A 198 -24.84 1.03 -21.29
N THR A 199 -26.15 0.81 -21.38
CA THR A 199 -26.69 -0.40 -21.96
C THR A 199 -27.68 -0.05 -23.07
N ASP A 200 -28.02 -1.04 -23.90
CA ASP A 200 -29.02 -0.85 -24.94
C ASP A 200 -30.41 -0.80 -24.32
N ARG A 201 -30.54 -1.41 -23.14
CA ARG A 201 -31.81 -1.44 -22.43
C ARG A 201 -31.67 -0.86 -21.02
N PRO A 202 -31.68 0.48 -20.91
CA PRO A 202 -31.57 1.14 -19.60
C PRO A 202 -32.90 1.17 -18.86
N THR A 203 -32.84 1.32 -17.54
CA THR A 203 -34.05 1.43 -16.73
C THR A 203 -34.68 2.81 -16.91
N VAL A 204 -35.65 2.89 -17.81
CA VAL A 204 -36.28 4.16 -18.14
C VAL A 204 -37.75 4.19 -17.70
N ILE A 205 -38.12 5.24 -16.98
CA ILE A 205 -39.51 5.39 -16.53
C ILE A 205 -40.09 6.69 -17.10
N GLU A 206 -41.34 6.63 -17.54
CA GLU A 206 -41.98 7.79 -18.15
C GLU A 206 -42.97 8.46 -17.19
N TYR A 207 -42.93 9.79 -17.14
CA TYR A 207 -43.76 10.55 -16.23
C TYR A 207 -44.73 11.46 -16.99
N ASP A 208 -44.35 12.73 -17.15
CA ASP A 208 -45.22 13.70 -17.82
C ASP A 208 -44.88 13.79 -19.30
N ASP A 209 -45.20 12.74 -20.04
CA ASP A 209 -44.91 12.65 -21.48
C ASP A 209 -43.44 12.85 -21.78
N HIS A 210 -42.58 12.43 -20.85
CA HIS A 210 -41.14 12.54 -21.02
C HIS A 210 -40.45 11.28 -20.53
N GLU A 211 -39.44 10.84 -21.26
CA GLU A 211 -38.69 9.63 -20.90
C GLU A 211 -37.57 9.96 -19.92
N TYR A 212 -37.67 9.43 -18.71
CA TYR A 212 -36.64 9.65 -17.70
C TYR A 212 -35.70 8.45 -17.60
N ILE A 213 -34.43 8.70 -17.93
CA ILE A 213 -33.42 7.65 -18.00
C ILE A 213 -32.59 7.58 -16.72
N PHE A 214 -32.22 6.37 -16.34
CA PHE A 214 -31.42 6.17 -15.13
C PHE A 214 -30.00 6.70 -15.29
N GLU A 215 -29.45 7.23 -14.20
CA GLU A 215 -28.12 7.82 -14.24
C GLU A 215 -27.47 7.84 -12.86
N GLY A 216 -26.84 6.74 -12.48
CA GLY A 216 -26.11 6.66 -11.22
C GLY A 216 -26.96 6.77 -9.97
N PHE A 217 -26.31 7.02 -8.84
CA PHE A 217 -26.99 7.13 -7.56
C PHE A 217 -26.68 8.44 -6.85
N SER A 218 -27.60 8.88 -6.00
CA SER A 218 -27.37 10.02 -5.12
C SER A 218 -27.15 9.54 -3.69
N MET A 219 -26.10 10.04 -3.06
CA MET A 219 -25.77 9.64 -1.70
C MET A 219 -25.96 10.78 -0.71
N PHE A 220 -26.58 10.47 0.43
CA PHE A 220 -26.78 11.45 1.49
C PHE A 220 -26.03 11.04 2.74
N ALA A 221 -24.96 11.75 3.06
CA ALA A 221 -24.16 11.44 4.24
C ALA A 221 -24.67 12.21 5.45
N HIS A 222 -24.39 11.70 6.65
CA HIS A 222 -24.81 12.38 7.86
C HIS A 222 -23.70 13.29 8.39
N ALA A 223 -22.69 13.49 7.56
CA ALA A 223 -21.54 14.33 7.91
C ALA A 223 -20.77 14.71 6.65
N PRO A 224 -20.13 15.89 6.67
CA PRO A 224 -19.33 16.31 5.52
C PRO A 224 -18.09 15.43 5.34
N LEU A 225 -17.68 15.21 4.09
CA LEU A 225 -16.53 14.35 3.80
C LEU A 225 -15.23 15.08 4.10
N THR A 226 -15.22 16.39 3.89
CA THR A 226 -14.07 17.26 4.17
C THR A 226 -12.79 16.80 3.47
N ASN A 227 -12.18 15.74 3.99
CA ASN A 227 -10.92 15.25 3.45
C ASN A 227 -10.94 13.75 3.15
N ILE A 228 -11.37 13.39 1.95
CA ILE A 228 -11.40 12.00 1.52
C ILE A 228 -10.94 11.88 0.07
N PRO A 229 -9.95 11.00 -0.17
CA PRO A 229 -9.39 10.82 -1.52
C PRO A 229 -10.32 10.08 -2.47
N LEU A 230 -9.87 9.88 -3.70
CA LEU A 230 -10.67 9.20 -4.72
C LEU A 230 -10.80 7.71 -4.41
N CYS A 231 -11.98 7.16 -4.70
CA CYS A 231 -12.25 5.75 -4.45
C CYS A 231 -12.07 4.92 -5.72
N LYS A 232 -10.96 4.20 -5.82
CA LYS A 232 -10.66 3.39 -6.99
C LYS A 232 -10.79 1.91 -6.69
N VAL A 233 -11.40 1.16 -7.61
CA VAL A 233 -11.61 -0.26 -7.45
C VAL A 233 -11.63 -0.99 -8.80
N ILE A 234 -10.93 -2.12 -8.86
CA ILE A 234 -10.88 -2.91 -10.09
C ILE A 234 -11.79 -4.13 -10.00
N ARG A 235 -12.62 -4.32 -11.01
CA ARG A 235 -13.51 -5.47 -11.08
C ARG A 235 -13.43 -6.17 -12.43
N PHE A 236 -14.03 -5.56 -13.45
CA PHE A 236 -14.03 -6.13 -14.80
C PHE A 236 -12.72 -5.85 -15.53
N ASN A 237 -11.60 -6.18 -14.87
CA ASN A 237 -10.26 -6.00 -15.41
C ASN A 237 -9.97 -4.55 -15.77
N ILE A 238 -10.74 -3.63 -15.19
CA ILE A 238 -10.57 -2.20 -15.44
C ILE A 238 -10.52 -1.44 -14.12
N ASP A 239 -9.53 -0.57 -13.97
CA ASP A 239 -9.39 0.24 -12.76
C ASP A 239 -10.44 1.33 -12.73
N TYR A 240 -11.60 1.01 -12.15
CA TYR A 240 -12.72 1.94 -12.10
C TYR A 240 -12.54 3.01 -11.02
N THR A 241 -13.09 4.18 -11.27
CA THR A 241 -13.05 5.29 -10.32
C THR A 241 -14.46 5.73 -9.97
N ILE A 242 -14.83 5.53 -8.71
CA ILE A 242 -16.16 5.91 -8.23
C ILE A 242 -16.17 7.35 -7.74
N HIS A 243 -16.49 8.27 -8.64
CA HIS A 243 -16.55 9.68 -8.31
C HIS A 243 -17.77 9.98 -7.44
N PHE A 244 -17.57 10.87 -6.46
CA PHE A 244 -18.65 11.30 -5.58
C PHE A 244 -18.70 12.83 -5.49
N ILE A 245 -19.06 13.46 -6.61
CA ILE A 245 -19.01 14.92 -6.73
C ILE A 245 -20.13 15.61 -5.96
N GLU A 246 -19.76 16.52 -5.06
CA GLU A 246 -20.75 17.25 -4.28
C GLU A 246 -21.51 18.24 -5.15
N GLU A 247 -22.68 17.82 -5.63
CA GLU A 247 -23.54 18.70 -6.43
C GLU A 247 -24.74 19.18 -5.63
N MET A 248 -25.63 19.91 -6.28
CA MET A 248 -26.83 20.41 -5.64
C MET A 248 -27.77 19.26 -5.29
N MET A 249 -28.47 19.38 -4.18
CA MET A 249 -29.31 18.29 -3.68
C MET A 249 -30.69 18.27 -4.32
N PRO A 250 -31.04 17.16 -4.99
CA PRO A 250 -32.39 16.98 -5.52
C PRO A 250 -33.42 16.88 -4.40
N GLU A 251 -34.32 17.85 -4.32
CA GLU A 251 -35.36 17.86 -3.30
C GLU A 251 -36.43 16.81 -3.59
N ASN A 252 -37.59 16.98 -2.95
CA ASN A 252 -38.73 16.08 -3.15
C ASN A 252 -38.40 14.62 -2.86
N PHE A 253 -37.86 14.36 -1.67
CA PHE A 253 -37.58 12.99 -1.26
C PHE A 253 -37.83 12.82 0.24
N CYS A 254 -37.94 11.57 0.69
CA CYS A 254 -38.18 11.29 2.09
C CYS A 254 -37.32 10.13 2.57
N VAL A 255 -36.81 10.24 3.79
CA VAL A 255 -35.92 9.23 4.37
C VAL A 255 -36.60 7.87 4.44
N LYS A 256 -37.87 7.86 4.83
CA LYS A 256 -38.64 6.63 4.90
C LYS A 256 -38.76 5.96 3.53
N GLY A 257 -38.93 6.79 2.51
CA GLY A 257 -39.03 6.30 1.14
C GLY A 257 -37.72 5.74 0.63
N LEU A 258 -36.64 6.45 0.93
CA LEU A 258 -35.30 6.01 0.54
C LEU A 258 -34.96 4.70 1.23
N GLU A 259 -35.40 4.56 2.47
CA GLU A 259 -35.19 3.31 3.21
C GLU A 259 -36.05 2.20 2.64
N LEU A 260 -37.25 2.55 2.18
CA LEU A 260 -38.13 1.58 1.53
C LEU A 260 -37.49 1.03 0.27
N PHE A 261 -37.00 1.91 -0.59
CA PHE A 261 -36.36 1.52 -1.82
C PHE A 261 -35.07 0.76 -1.57
N SER A 262 -34.30 1.22 -0.58
CA SER A 262 -33.04 0.58 -0.23
C SER A 262 -33.25 -0.84 0.27
N LEU A 263 -34.25 -1.02 1.12
CA LEU A 263 -34.56 -2.34 1.65
C LEU A 263 -35.24 -3.22 0.60
N PHE A 264 -35.83 -2.59 -0.41
CA PHE A 264 -36.48 -3.33 -1.48
C PHE A 264 -35.48 -3.76 -2.56
N LEU A 265 -34.36 -3.06 -2.64
CA LEU A 265 -33.37 -3.34 -3.68
C LEU A 265 -32.13 -4.03 -3.11
N PHE A 266 -31.53 -3.44 -2.09
CA PHE A 266 -30.27 -3.93 -1.54
C PHE A 266 -30.46 -5.19 -0.69
N ARG A 267 -31.70 -5.62 -0.53
CA ARG A 267 -31.98 -6.79 0.31
C ARG A 267 -32.92 -7.77 -0.39
N ASP A 268 -34.05 -7.27 -0.88
CA ASP A 268 -35.04 -8.12 -1.52
C ASP A 268 -34.59 -8.60 -2.89
N ILE A 269 -34.55 -7.69 -3.86
CA ILE A 269 -34.14 -8.02 -5.22
C ILE A 269 -32.69 -8.52 -5.24
N LEU A 270 -31.77 -7.67 -4.82
CA LEU A 270 -30.37 -8.04 -4.71
C LEU A 270 -30.08 -8.62 -3.33
N GLU A 271 -29.85 -9.93 -3.27
CA GLU A 271 -29.59 -10.59 -2.00
C GLU A 271 -28.24 -10.16 -1.43
N LEU A 272 -28.17 -8.91 -0.98
CA LEU A 272 -26.93 -8.34 -0.48
C LEU A 272 -26.94 -8.19 1.04
N TYR A 273 -26.86 -9.31 1.74
CA TYR A 273 -26.80 -9.29 3.20
C TYR A 273 -25.35 -9.02 3.64
N ASP A 274 -25.13 -9.04 4.94
CA ASP A 274 -23.82 -8.78 5.54
C ASP A 274 -23.27 -7.42 5.12
N TRP A 275 -24.16 -6.44 4.99
CA TRP A 275 -23.76 -5.08 4.65
C TRP A 275 -24.16 -4.13 5.78
N ASN A 276 -23.38 -4.15 6.85
CA ASN A 276 -23.68 -3.35 8.04
C ASN A 276 -23.44 -1.86 7.83
N LEU A 277 -24.49 -1.15 7.47
CA LEU A 277 -24.41 0.31 7.34
C LEU A 277 -24.90 0.98 8.63
N LYS A 278 -25.06 0.18 9.68
CA LYS A 278 -25.53 0.67 10.97
C LYS A 278 -24.59 0.26 12.09
N GLY A 279 -24.50 -1.05 12.31
CA GLY A 279 -23.68 -1.58 13.39
C GLY A 279 -24.52 -2.22 14.47
N PRO A 280 -24.43 -3.56 14.61
CA PRO A 280 -25.20 -4.30 15.60
C PRO A 280 -24.59 -4.22 17.00
N CYS A 288 -33.35 2.98 13.97
CA CYS A 288 -32.03 3.58 13.89
C CYS A 288 -31.60 3.79 12.44
N CYS A 289 -31.11 4.98 12.13
CA CYS A 289 -30.70 5.34 10.78
C CYS A 289 -29.37 4.69 10.41
N PRO A 290 -29.13 4.45 9.12
CA PRO A 290 -27.86 3.89 8.65
C PRO A 290 -26.74 4.93 8.62
N ARG A 291 -25.74 4.70 7.77
CA ARG A 291 -24.63 5.62 7.64
C ARG A 291 -24.81 6.54 6.43
N PHE A 292 -25.34 5.98 5.35
CA PHE A 292 -25.55 6.74 4.13
C PHE A 292 -26.90 6.42 3.49
N HIS A 293 -27.62 7.45 3.05
CA HIS A 293 -28.87 7.25 2.33
C HIS A 293 -28.60 7.23 0.83
N PHE A 294 -29.49 6.58 0.08
CA PHE A 294 -29.32 6.45 -1.36
C PHE A 294 -30.62 6.69 -2.11
N MET A 295 -30.59 7.60 -3.08
CA MET A 295 -31.74 7.89 -3.91
C MET A 295 -31.42 7.66 -5.39
N PRO A 296 -32.30 6.91 -6.09
CA PRO A 296 -32.14 6.67 -7.53
C PRO A 296 -32.19 7.98 -8.31
N ARG A 297 -31.44 8.03 -9.42
CA ARG A 297 -31.42 9.22 -10.26
C ARG A 297 -31.98 8.94 -11.65
N PHE A 298 -33.10 9.57 -11.99
CA PHE A 298 -33.67 9.46 -13.32
C PHE A 298 -33.73 10.83 -13.98
N VAL A 299 -32.89 11.02 -14.98
CA VAL A 299 -32.70 12.32 -15.61
C VAL A 299 -33.33 12.37 -16.99
N ARG A 300 -33.85 13.55 -17.35
CA ARG A 300 -34.49 13.74 -18.65
C ARG A 300 -33.68 14.71 -19.52
N PHE A 301 -32.64 15.29 -18.93
CA PHE A 301 -31.78 16.29 -19.58
C PHE A 301 -32.56 17.56 -19.93
N LEU A 302 -31.83 18.61 -20.29
CA LEU A 302 -32.44 19.91 -20.51
C LEU A 302 -31.54 20.85 -21.31
N PRO A 303 -32.12 21.57 -22.29
CA PRO A 303 -31.37 22.52 -23.11
C PRO A 303 -31.15 23.86 -22.42
N ASP A 304 -30.03 24.52 -22.74
CA ASP A 304 -29.70 25.85 -22.21
C ASP A 304 -29.66 25.90 -20.69
N GLY A 305 -29.40 24.75 -20.06
CA GLY A 305 -29.35 24.68 -18.61
C GLY A 305 -28.74 23.39 -18.11
N GLY A 306 -29.31 22.85 -17.04
CA GLY A 306 -28.80 21.63 -16.43
C GLY A 306 -29.63 20.42 -16.79
N LYS A 307 -30.37 19.90 -15.83
CA LYS A 307 -31.17 18.70 -16.03
C LYS A 307 -32.28 18.57 -14.99
N GLU A 308 -33.17 17.62 -15.20
CA GLU A 308 -34.31 17.42 -14.30
C GLU A 308 -34.29 16.04 -13.65
N VAL A 309 -34.34 16.02 -12.33
CA VAL A 309 -34.34 14.77 -11.57
C VAL A 309 -35.76 14.36 -11.20
N LEU A 310 -36.09 13.09 -11.45
CA LEU A 310 -37.43 12.59 -11.16
C LEU A 310 -37.61 12.35 -9.66
N SER A 311 -38.70 12.89 -9.11
CA SER A 311 -38.98 12.79 -7.69
C SER A 311 -39.21 11.35 -7.24
N MET A 312 -39.10 11.11 -5.94
CA MET A 312 -39.13 9.77 -5.38
C MET A 312 -40.51 9.10 -5.45
N HIS A 313 -41.56 9.91 -5.31
CA HIS A 313 -42.92 9.39 -5.31
C HIS A 313 -43.24 8.70 -6.63
N GLN A 314 -42.70 9.23 -7.72
CA GLN A 314 -42.91 8.63 -9.03
C GLN A 314 -42.07 7.36 -9.19
N ILE A 315 -40.96 7.29 -8.46
CA ILE A 315 -40.13 6.10 -8.47
C ILE A 315 -40.87 4.96 -7.78
N LEU A 316 -41.49 5.29 -6.64
CA LEU A 316 -42.29 4.30 -5.91
C LEU A 316 -43.52 3.90 -6.72
N LEU A 317 -44.17 4.88 -7.33
CA LEU A 317 -45.35 4.63 -8.15
C LEU A 317 -45.04 3.73 -9.34
N TYR A 318 -43.90 3.98 -9.99
CA TYR A 318 -43.49 3.18 -11.13
C TYR A 318 -43.08 1.78 -10.71
N LEU A 319 -42.32 1.68 -9.63
CA LEU A 319 -41.85 0.40 -9.12
C LEU A 319 -43.03 -0.44 -8.62
N LEU A 320 -44.12 0.24 -8.30
CA LEU A 320 -45.34 -0.44 -7.83
C LEU A 320 -46.23 -0.84 -9.00
N ARG A 321 -46.30 0.00 -10.01
CA ARG A 321 -47.19 -0.23 -11.15
C ARG A 321 -46.60 -1.23 -12.14
N CYS A 322 -45.28 -1.40 -12.11
CA CYS A 322 -44.61 -2.26 -13.07
C CYS A 322 -44.22 -3.60 -12.45
N SER A 323 -44.41 -3.71 -11.13
CA SER A 323 -44.16 -4.97 -10.44
C SER A 323 -45.30 -5.94 -10.71
N LYS A 324 -46.37 -5.43 -11.31
CA LYS A 324 -47.52 -6.23 -11.69
C LYS A 324 -47.16 -7.23 -12.79
N UNK A 348 -39.18 -8.24 -27.91
CA UNK A 348 -37.88 -7.96 -27.33
C UNK A 348 -37.97 -6.81 -26.33
N UNK A 349 -39.18 -6.54 -25.85
CA UNK A 349 -39.40 -5.49 -24.86
C UNK A 349 -39.13 -6.01 -23.45
N UNK A 350 -39.10 -7.32 -23.31
CA UNK A 350 -38.82 -7.95 -22.02
C UNK A 350 -37.34 -8.29 -21.92
N UNK A 351 -36.58 -7.94 -22.95
CA UNK A 351 -35.16 -8.23 -23.00
C UNK A 351 -34.37 -7.37 -22.03
N UNK A 352 -33.37 -7.98 -21.39
CA UNK A 352 -32.50 -7.29 -20.43
C UNK A 352 -33.28 -6.62 -19.31
N UNK A 353 -34.06 -7.41 -18.58
CA UNK A 353 -34.82 -6.91 -17.44
C UNK A 353 -34.68 -7.84 -16.24
N UNK A 354 -34.64 -7.25 -15.04
CA UNK A 354 -34.48 -8.03 -13.83
C UNK A 354 -35.84 -8.41 -13.22
N UNK A 355 -36.07 -9.70 -13.05
CA UNK A 355 -37.32 -10.19 -12.48
C UNK A 355 -37.06 -10.94 -11.19
N UNK A 356 -38.03 -10.90 -10.27
CA UNK A 356 -37.89 -11.58 -8.99
C UNK A 356 -39.10 -12.46 -8.70
N UNK A 357 -38.87 -13.56 -7.98
CA UNK A 357 -39.94 -14.48 -7.62
C UNK A 357 -40.19 -14.46 -6.10
N UNK A 358 -39.75 -15.51 -5.43
CA UNK A 358 -39.90 -15.60 -3.98
C UNK A 358 -38.88 -16.57 -3.37
N UNK A 362 -32.70 -18.61 -4.69
CA UNK A 362 -32.22 -17.38 -5.30
C UNK A 362 -33.11 -16.20 -4.94
N UNK A 363 -32.85 -15.05 -5.56
CA UNK A 363 -33.61 -13.85 -5.28
C UNK A 363 -34.21 -13.26 -6.56
N UNK A 364 -33.33 -12.88 -7.49
CA UNK A 364 -33.77 -12.28 -8.75
C UNK A 364 -32.80 -12.61 -9.88
N UNK A 365 -33.31 -12.63 -11.10
CA UNK A 365 -32.48 -12.97 -12.26
C UNK A 365 -32.65 -11.96 -13.39
N UNK A 366 -31.65 -11.91 -14.27
CA UNK A 366 -31.68 -10.99 -15.42
C UNK A 366 -32.05 -11.74 -16.69
N UNK A 367 -33.25 -11.49 -17.20
CA UNK A 367 -33.73 -12.16 -18.41
C UNK A 367 -33.00 -11.65 -19.64
N UNK A 368 -32.15 -12.51 -20.21
CA UNK A 368 -31.39 -12.17 -21.41
C UNK A 368 -32.05 -12.77 -22.65
N UNK A 369 -32.81 -13.84 -22.45
CA UNK A 369 -33.49 -14.52 -23.55
C UNK A 369 -34.82 -15.10 -23.08
N THR A 463 -41.00 -6.44 -11.47
CA THR A 463 -40.49 -5.10 -11.20
C THR A 463 -39.96 -4.44 -12.47
N GLY A 464 -40.02 -3.12 -12.51
CA GLY A 464 -39.60 -2.37 -13.68
C GLY A 464 -38.14 -1.97 -13.64
N ILE A 465 -37.33 -2.77 -12.96
CA ILE A 465 -35.90 -2.52 -12.86
C ILE A 465 -35.12 -3.45 -13.78
N ARG A 466 -34.25 -2.87 -14.60
CA ARG A 466 -33.46 -3.65 -15.54
C ARG A 466 -32.05 -3.91 -15.01
N SER A 467 -31.15 -4.29 -15.91
CA SER A 467 -29.77 -4.58 -15.53
C SER A 467 -28.93 -3.30 -15.47
N ASP A 468 -29.60 -2.16 -15.36
CA ASP A 468 -28.95 -0.87 -15.29
C ASP A 468 -28.65 -0.50 -13.83
N VAL A 469 -29.72 -0.37 -13.05
CA VAL A 469 -29.62 0.03 -11.65
C VAL A 469 -28.84 -0.98 -10.81
N CYS A 470 -29.07 -2.26 -11.07
CA CYS A 470 -28.43 -3.34 -10.32
C CYS A 470 -26.91 -3.25 -10.37
N GLN A 471 -26.38 -3.09 -11.58
CA GLN A 471 -24.94 -2.98 -11.78
C GLN A 471 -24.39 -1.74 -11.07
N HIS A 472 -25.18 -0.68 -11.07
CA HIS A 472 -24.76 0.59 -10.49
C HIS A 472 -24.90 0.58 -8.97
N ALA A 473 -25.56 -0.45 -8.44
CA ALA A 473 -25.75 -0.58 -7.01
C ALA A 473 -24.64 -1.43 -6.38
N MET A 474 -23.89 -2.12 -7.22
CA MET A 474 -22.83 -3.02 -6.75
C MET A 474 -21.51 -2.28 -6.56
N MET A 475 -21.52 -0.97 -6.80
CA MET A 475 -20.33 -0.16 -6.60
C MET A 475 -20.45 0.64 -5.31
N LEU A 476 -21.68 0.73 -4.79
CA LEU A 476 -21.96 1.48 -3.58
C LEU A 476 -21.29 0.92 -2.32
N PRO A 477 -21.31 -0.41 -2.11
CA PRO A 477 -20.64 -0.90 -0.90
C PRO A 477 -19.15 -0.55 -0.84
N VAL A 478 -18.50 -0.58 -2.00
CA VAL A 478 -17.08 -0.23 -2.10
C VAL A 478 -16.85 1.20 -1.62
N LEU A 479 -17.63 2.13 -2.17
CA LEU A 479 -17.53 3.54 -1.83
C LEU A 479 -17.84 3.79 -0.36
N THR A 480 -18.89 3.16 0.15
CA THR A 480 -19.26 3.32 1.56
C THR A 480 -18.15 2.83 2.48
N HIS A 481 -17.61 1.67 2.16
CA HIS A 481 -16.49 1.12 2.94
C HIS A 481 -15.30 2.07 2.92
N HIS A 482 -15.00 2.60 1.73
CA HIS A 482 -13.91 3.55 1.54
C HIS A 482 -14.08 4.78 2.42
N ILE A 483 -15.25 5.41 2.32
CA ILE A 483 -15.57 6.61 3.09
C ILE A 483 -15.49 6.36 4.59
N ARG A 484 -16.14 5.30 5.04
CA ARG A 484 -16.15 4.96 6.46
C ARG A 484 -14.74 4.71 7.00
N TYR A 485 -13.93 4.03 6.19
CA TYR A 485 -12.56 3.72 6.57
C TYR A 485 -11.73 5.00 6.70
N HIS A 486 -11.81 5.86 5.70
CA HIS A 486 -11.07 7.12 5.73
C HIS A 486 -11.61 8.06 6.81
N GLN A 487 -12.83 7.80 7.27
CA GLN A 487 -13.42 8.57 8.36
C GLN A 487 -12.96 8.04 9.71
N CYS A 488 -12.61 6.76 9.75
CA CYS A 488 -12.11 6.16 10.99
C CYS A 488 -10.60 6.29 11.11
N LEU A 489 -9.94 6.64 10.01
CA LEU A 489 -8.49 6.83 10.01
C LEU A 489 -8.07 8.06 10.80
N MET A 490 -9.01 8.98 11.00
CA MET A 490 -8.76 10.20 11.76
C MET A 490 -8.44 9.86 13.22
N HIS A 491 -8.92 8.70 13.66
CA HIS A 491 -8.64 8.22 15.01
C HIS A 491 -7.34 7.44 15.03
N LEU A 492 -6.84 7.09 13.85
CA LEU A 492 -5.53 6.46 13.71
C LEU A 492 -4.46 7.53 13.79
N ASP A 493 -4.73 8.67 13.17
CA ASP A 493 -3.79 9.78 13.14
C ASP A 493 -3.39 10.27 14.54
N LYS A 494 -4.29 10.11 15.50
CA LYS A 494 -4.01 10.54 16.87
C LYS A 494 -3.22 9.47 17.62
N LEU A 495 -3.31 8.22 17.17
CA LEU A 495 -2.56 7.13 17.76
C LEU A 495 -1.12 7.13 17.27
N ILE A 496 -0.96 7.38 15.96
CA ILE A 496 0.38 7.46 15.37
C ILE A 496 1.15 8.65 15.93
N GLY A 497 0.50 9.81 15.94
CA GLY A 497 1.15 11.04 16.37
C GLY A 497 1.49 11.88 15.15
N TYR A 498 1.51 11.24 13.99
CA TYR A 498 1.77 11.93 12.74
C TYR A 498 0.56 11.86 11.81
N THR A 499 0.09 13.02 11.36
CA THR A 499 -1.06 13.08 10.48
C THR A 499 -0.64 13.06 9.02
N PHE A 500 -0.92 11.95 8.34
CA PHE A 500 -0.59 11.81 6.92
C PHE A 500 -1.34 12.84 6.08
N GLN A 501 -0.60 13.55 5.23
CA GLN A 501 -1.20 14.52 4.34
C GLN A 501 -1.64 13.85 3.04
N ASP A 502 -1.47 12.54 2.98
CA ASP A 502 -1.93 11.74 1.84
C ASP A 502 -2.61 10.48 2.33
N ARG A 503 -3.94 10.49 2.34
CA ARG A 503 -4.71 9.36 2.85
C ARG A 503 -4.44 8.09 2.06
N CYS A 504 -4.13 8.23 0.78
CA CYS A 504 -3.84 7.09 -0.09
C CYS A 504 -2.61 6.34 0.38
N LEU A 505 -1.60 7.07 0.83
CA LEU A 505 -0.36 6.46 1.31
C LEU A 505 -0.60 5.65 2.57
N LEU A 506 -1.37 6.22 3.49
CA LEU A 506 -1.69 5.55 4.75
C LEU A 506 -2.53 4.31 4.50
N GLN A 507 -3.52 4.44 3.60
CA GLN A 507 -4.37 3.31 3.25
C GLN A 507 -3.55 2.19 2.62
N LEU A 508 -2.70 2.54 1.66
CA LEU A 508 -1.86 1.57 0.97
C LEU A 508 -0.90 0.91 1.94
N ALA A 509 -0.47 1.66 2.96
CA ALA A 509 0.37 1.10 4.02
C ALA A 509 -0.45 0.14 4.88
N MET A 510 -1.75 0.40 4.97
CA MET A 510 -2.63 -0.42 5.80
C MET A 510 -3.26 -1.57 5.01
N THR A 511 -3.20 -1.50 3.70
CA THR A 511 -3.72 -2.56 2.85
C THR A 511 -2.94 -3.85 3.05
N HIS A 512 -3.64 -4.97 3.10
CA HIS A 512 -3.00 -6.27 3.29
C HIS A 512 -3.17 -7.13 2.05
N PRO A 513 -2.13 -7.89 1.67
CA PRO A 513 -2.16 -8.76 0.49
C PRO A 513 -3.21 -9.88 0.58
N SER A 514 -3.95 -9.96 1.67
CA SER A 514 -5.02 -10.94 1.80
C SER A 514 -6.28 -10.48 1.08
N HIS A 515 -6.25 -9.25 0.57
CA HIS A 515 -7.37 -8.71 -0.19
C HIS A 515 -7.27 -9.08 -1.66
N HIS A 516 -7.94 -10.17 -2.05
CA HIS A 516 -7.96 -10.59 -3.43
C HIS A 516 -8.82 -9.65 -4.26
N LEU A 517 -9.79 -9.02 -3.60
CA LEU A 517 -10.66 -8.04 -4.24
C LEU A 517 -10.64 -6.73 -3.45
N ASN A 518 -11.11 -5.66 -4.09
CA ASN A 518 -11.18 -4.35 -3.44
C ASN A 518 -12.61 -3.99 -3.05
N PHE A 519 -13.52 -4.95 -3.19
CA PHE A 519 -14.93 -4.72 -2.86
C PHE A 519 -15.15 -4.55 -1.37
N GLY A 520 -16.25 -3.91 -1.02
CA GLY A 520 -16.56 -3.62 0.38
C GLY A 520 -17.17 -4.79 1.12
N MET A 521 -18.36 -5.21 0.69
CA MET A 521 -19.07 -6.30 1.36
C MET A 521 -18.47 -7.66 1.04
N ASN A 522 -19.24 -8.71 1.30
CA ASN A 522 -18.81 -10.08 1.02
C ASN A 522 -18.65 -10.33 -0.47
N PRO A 523 -17.47 -10.81 -0.89
CA PRO A 523 -17.15 -11.08 -2.29
C PRO A 523 -18.11 -12.05 -2.96
N ASP A 524 -18.59 -13.03 -2.19
CA ASP A 524 -19.55 -14.00 -2.69
C ASP A 524 -20.82 -13.33 -3.17
N HIS A 525 -21.46 -12.58 -2.28
CA HIS A 525 -22.68 -11.85 -2.62
C HIS A 525 -22.47 -10.95 -3.82
N ALA A 526 -21.31 -10.30 -3.86
CA ALA A 526 -20.97 -9.38 -4.94
C ALA A 526 -20.93 -10.08 -6.28
N ARG A 527 -20.06 -11.08 -6.41
CA ARG A 527 -19.91 -11.81 -7.67
C ARG A 527 -21.21 -12.49 -8.08
N ASN A 528 -21.89 -13.11 -7.12
CA ASN A 528 -23.17 -13.77 -7.39
C ASN A 528 -24.20 -12.81 -7.95
N SER A 529 -24.39 -11.67 -7.30
CA SER A 529 -25.36 -10.68 -7.76
C SER A 529 -24.93 -10.05 -9.08
N LEU A 530 -23.63 -9.99 -9.32
CA LEU A 530 -23.10 -9.45 -10.56
C LEU A 530 -23.30 -10.43 -11.73
N SER A 531 -23.38 -11.71 -11.42
CA SER A 531 -23.53 -12.74 -12.46
C SER A 531 -24.98 -13.17 -12.65
N ASN A 532 -25.82 -12.87 -11.67
CA ASN A 532 -27.22 -13.30 -11.71
C ASN A 532 -28.17 -12.20 -12.18
N CYS A 533 -27.89 -10.96 -11.79
CA CYS A 533 -28.73 -9.83 -12.16
C CYS A 533 -27.91 -8.59 -12.47
N GLY A 534 -26.65 -8.80 -12.86
CA GLY A 534 -25.78 -7.71 -13.27
C GLY A 534 -26.01 -7.35 -14.73
N ILE A 535 -25.11 -6.54 -15.29
CA ILE A 535 -25.23 -6.16 -16.69
C ILE A 535 -24.49 -7.18 -17.58
N ARG A 536 -25.07 -7.47 -18.74
CA ARG A 536 -24.47 -8.43 -19.67
C ARG A 536 -24.84 -8.09 -21.12
N GLN A 537 -23.94 -7.40 -21.80
CA GLN A 537 -24.16 -7.02 -23.19
C GLN A 537 -24.27 -8.25 -24.09
N PRO A 538 -25.08 -8.16 -25.15
CA PRO A 538 -25.37 -9.30 -26.03
C PRO A 538 -24.14 -9.88 -26.71
N LYS A 539 -23.96 -11.19 -26.61
CA LYS A 539 -22.90 -11.89 -27.31
C LYS A 539 -23.41 -12.43 -28.64
N TYR A 540 -22.55 -12.45 -29.65
CA TYR A 540 -22.94 -12.97 -30.96
C TYR A 540 -23.15 -14.48 -30.91
N GLY A 541 -22.40 -15.15 -30.03
CA GLY A 541 -22.50 -16.59 -29.89
C GLY A 541 -23.63 -17.03 -28.98
N ASP A 542 -24.85 -16.63 -29.32
CA ASP A 542 -26.02 -17.00 -28.53
C ASP A 542 -27.13 -17.57 -29.43
N THR A 571 -4.01 -12.28 -14.07
CA THR A 571 -3.05 -11.20 -13.94
C THR A 571 -3.47 -10.23 -12.84
N PRO A 572 -3.06 -10.52 -11.59
CA PRO A 572 -3.38 -9.67 -10.44
C PRO A 572 -2.35 -8.59 -10.18
N SER A 573 -2.74 -7.56 -9.45
CA SER A 573 -1.84 -6.45 -9.14
C SER A 573 -1.17 -6.64 -7.78
N ARG A 574 0.15 -6.77 -7.79
CA ARG A 574 0.90 -7.02 -6.57
C ARG A 574 1.48 -5.73 -6.01
N ILE A 575 1.34 -4.64 -6.75
CA ILE A 575 1.87 -3.35 -6.34
C ILE A 575 0.90 -2.59 -5.44
N ASN A 576 -0.31 -3.11 -5.31
CA ASN A 576 -1.33 -2.50 -4.45
C ASN A 576 -1.23 -2.97 -3.01
N HIS A 577 -0.21 -3.76 -2.72
CA HIS A 577 0.01 -4.26 -1.36
C HIS A 577 0.81 -3.26 -0.55
N ASN A 578 1.12 -3.62 0.68
CA ASN A 578 2.01 -2.82 1.52
C ASN A 578 3.39 -3.44 1.56
N GLU A 579 3.62 -4.42 0.70
CA GLU A 579 4.90 -5.11 0.61
C GLU A 579 6.02 -4.17 0.19
N ARG A 580 5.66 -3.13 -0.56
CA ARG A 580 6.61 -2.09 -0.93
C ARG A 580 7.07 -1.35 0.30
N LEU A 581 6.11 -0.76 1.01
CA LEU A 581 6.39 0.01 2.21
C LEU A 581 6.91 -0.86 3.34
N GLU A 582 6.67 -2.17 3.25
CA GLU A 582 7.24 -3.12 4.20
C GLU A 582 8.71 -3.32 3.87
N PHE A 583 8.99 -3.42 2.57
CA PHE A 583 10.36 -3.58 2.09
C PHE A 583 11.20 -2.36 2.44
N LEU A 584 10.57 -1.19 2.45
CA LEU A 584 11.24 0.04 2.86
C LEU A 584 11.38 0.10 4.38
N GLY A 585 10.28 -0.22 5.06
CA GLY A 585 10.23 -0.15 6.52
C GLY A 585 11.16 -1.12 7.21
N ASP A 586 11.52 -2.19 6.52
CA ASP A 586 12.49 -3.14 7.05
C ASP A 586 13.82 -2.43 7.22
N ALA A 587 14.25 -1.75 6.15
CA ALA A 587 15.49 -0.98 6.16
C ALA A 587 15.40 0.20 7.12
N VAL A 588 14.22 0.79 7.22
CA VAL A 588 14.01 1.90 8.14
C VAL A 588 14.22 1.48 9.59
N VAL A 589 13.46 0.48 10.02
CA VAL A 589 13.58 -0.06 11.37
C VAL A 589 15.00 -0.53 11.66
N GLU A 590 15.57 -1.25 10.70
CA GLU A 590 16.95 -1.73 10.81
C GLU A 590 17.91 -0.57 11.07
N PHE A 591 17.74 0.52 10.33
CA PHE A 591 18.61 1.68 10.45
C PHE A 591 18.44 2.38 11.79
N LEU A 592 17.20 2.60 12.21
CA LEU A 592 16.93 3.27 13.48
C LEU A 592 17.52 2.47 14.64
N THR A 593 17.19 1.19 14.70
CA THR A 593 17.72 0.30 15.72
C THR A 593 19.24 0.31 15.72
N SER A 594 19.84 0.18 14.54
CA SER A 594 21.29 0.16 14.42
C SER A 594 21.94 1.42 14.97
N VAL A 595 21.48 2.58 14.48
CA VAL A 595 22.04 3.86 14.90
C VAL A 595 21.89 4.09 16.40
N HIS A 596 20.67 3.94 16.90
CA HIS A 596 20.41 4.18 18.32
C HIS A 596 21.21 3.24 19.21
N LEU A 597 21.23 1.95 18.87
CA LEU A 597 22.00 0.99 19.66
C LEU A 597 23.50 1.20 19.49
N TYR A 598 23.89 1.92 18.44
CA TYR A 598 25.30 2.21 18.19
C TYR A 598 25.78 3.37 19.05
N TYR A 599 25.04 4.48 19.04
CA TYR A 599 25.46 5.68 19.76
C TYR A 599 25.26 5.59 21.26
N LEU A 600 24.25 4.85 21.69
CA LEU A 600 23.91 4.78 23.12
C LEU A 600 24.78 3.81 23.88
N PHE A 601 25.60 3.04 23.17
CA PHE A 601 26.54 2.12 23.80
C PHE A 601 27.90 2.13 23.11
N PRO A 602 28.69 3.20 23.32
CA PRO A 602 29.98 3.37 22.66
C PRO A 602 31.04 2.39 23.14
N SER A 603 30.73 1.59 24.15
CA SER A 603 31.68 0.64 24.70
C SER A 603 31.38 -0.80 24.29
N LEU A 604 30.16 -1.03 23.81
CA LEU A 604 29.73 -2.36 23.43
C LEU A 604 30.17 -2.71 22.00
N GLU A 605 30.68 -3.93 21.84
CA GLU A 605 31.18 -4.37 20.53
C GLU A 605 30.05 -4.73 19.58
N GLU A 606 30.39 -5.39 18.47
CA GLU A 606 29.43 -5.75 17.44
C GLU A 606 28.46 -6.84 17.93
N GLY A 607 28.94 -7.70 18.83
CA GLY A 607 28.15 -8.80 19.34
C GLY A 607 26.88 -8.35 20.04
N GLY A 608 27.03 -7.49 21.04
CA GLY A 608 25.90 -6.97 21.79
C GLY A 608 24.99 -6.11 20.93
N LEU A 609 25.59 -5.39 19.99
CA LEU A 609 24.83 -4.56 19.05
C LEU A 609 23.90 -5.41 18.20
N ALA A 610 24.45 -6.45 17.59
CA ALA A 610 23.68 -7.36 16.75
C ALA A 610 22.67 -8.14 17.58
N THR A 611 23.02 -8.43 18.83
CA THR A 611 22.13 -9.15 19.74
C THR A 611 20.89 -8.32 20.05
N TYR A 612 21.11 -7.10 20.53
CA TYR A 612 20.03 -6.17 20.80
C TYR A 612 19.18 -5.91 19.56
N ARG A 613 19.86 -5.62 18.45
CA ARG A 613 19.20 -5.35 17.17
C ARG A 613 18.27 -6.49 16.79
N THR A 614 18.82 -7.70 16.69
CA THR A 614 18.03 -8.87 16.33
C THR A 614 16.90 -9.11 17.33
N ALA A 615 17.14 -8.73 18.58
CA ALA A 615 16.12 -8.86 19.62
C ALA A 615 14.96 -7.88 19.42
N ILE A 616 15.25 -6.75 18.78
CA ILE A 616 14.22 -5.73 18.58
C ILE A 616 13.46 -5.91 17.25
N VAL A 617 14.20 -6.18 16.17
CA VAL A 617 13.61 -6.30 14.84
C VAL A 617 12.72 -7.55 14.71
N GLN A 618 12.78 -8.41 15.72
CA GLN A 618 11.98 -9.63 15.76
C GLN A 618 10.49 -9.37 15.46
N ASN A 619 9.92 -10.18 14.57
CA ASN A 619 8.55 -9.96 14.10
C ASN A 619 7.50 -10.04 15.20
N GLN A 620 7.68 -10.94 16.16
CA GLN A 620 6.76 -11.06 17.27
C GLN A 620 6.78 -9.79 18.11
N HIS A 621 7.99 -9.31 18.39
CA HIS A 621 8.20 -8.08 19.12
C HIS A 621 7.61 -6.89 18.37
N LEU A 622 7.78 -6.88 17.05
CA LEU A 622 7.26 -5.80 16.22
C LEU A 622 5.74 -5.83 16.16
N ALA A 623 5.16 -7.02 16.35
CA ALA A 623 3.71 -7.17 16.36
C ALA A 623 3.13 -6.66 17.67
N MET A 624 3.72 -7.12 18.78
CA MET A 624 3.29 -6.68 20.10
C MET A 624 3.49 -5.17 20.24
N LEU A 625 4.51 -4.65 19.57
CA LEU A 625 4.78 -3.22 19.56
C LEU A 625 3.84 -2.49 18.60
N ALA A 626 3.32 -3.24 17.63
CA ALA A 626 2.36 -2.68 16.67
C ALA A 626 0.97 -2.57 17.29
N LYS A 627 0.71 -3.39 18.30
CA LYS A 627 -0.58 -3.37 18.97
C LYS A 627 -0.78 -2.07 19.76
N LYS A 628 0.32 -1.40 20.09
CA LYS A 628 0.26 -0.13 20.81
C LYS A 628 -0.32 0.98 19.94
N LEU A 629 -0.34 0.75 18.63
CA LEU A 629 -0.95 1.69 17.70
C LEU A 629 -2.34 1.22 17.29
N GLU A 630 -2.80 0.14 17.93
CA GLU A 630 -4.08 -0.49 17.59
C GLU A 630 -4.18 -0.79 16.09
N LEU A 631 -3.07 -1.24 15.50
CA LEU A 631 -3.04 -1.51 14.08
C LEU A 631 -3.99 -2.63 13.68
N ASP A 632 -4.32 -3.49 14.64
CA ASP A 632 -5.24 -4.59 14.41
C ASP A 632 -6.67 -4.12 14.17
N ARG A 633 -6.94 -2.87 14.54
CA ARG A 633 -8.28 -2.31 14.39
C ARG A 633 -8.40 -1.51 13.10
N PHE A 634 -7.27 -1.07 12.56
CA PHE A 634 -7.26 -0.25 11.36
C PHE A 634 -6.76 -1.01 10.14
N MET A 635 -6.22 -2.21 10.36
CA MET A 635 -5.71 -3.03 9.27
C MET A 635 -6.82 -3.51 8.35
N LEU A 636 -6.47 -3.82 7.11
CA LEU A 636 -7.42 -4.37 6.15
C LEU A 636 -7.20 -5.87 6.00
N TYR A 637 -7.27 -6.59 7.11
CA TYR A 637 -7.09 -8.04 7.10
C TYR A 637 -8.39 -8.73 6.73
N ALA A 638 -8.37 -9.47 5.63
CA ALA A 638 -9.54 -10.18 5.15
C ALA A 638 -9.55 -11.62 5.65
N HIS A 639 -10.72 -12.26 5.60
CA HIS A 639 -10.85 -13.65 6.03
C HIS A 639 -10.27 -14.60 4.98
N GLY A 640 -9.46 -15.54 5.43
CA GLY A 640 -8.84 -16.51 4.53
C GLY A 640 -9.82 -17.58 4.10
N PRO A 641 -9.32 -18.56 3.32
CA PRO A 641 -10.14 -19.68 2.83
C PRO A 641 -10.80 -20.45 3.95
N ASP A 642 -10.00 -21.07 4.81
CA ASP A 642 -10.50 -21.81 5.95
C ASP A 642 -9.57 -21.65 7.16
N LEU A 643 -8.26 -21.71 6.90
CA LEU A 643 -7.27 -21.58 7.97
C LEU A 643 -6.98 -20.12 8.27
N CYS A 644 -7.28 -19.72 9.51
CA CYS A 644 -7.05 -18.34 9.94
C CYS A 644 -6.81 -18.27 11.44
N ARG A 645 -5.57 -18.55 11.84
CA ARG A 645 -5.20 -18.54 13.25
C ARG A 645 -4.70 -17.17 13.70
N GLU A 646 -4.27 -17.08 14.95
CA GLU A 646 -3.73 -15.84 15.51
C GLU A 646 -2.39 -15.49 14.86
N SER A 647 -1.71 -16.52 14.35
CA SER A 647 -0.41 -16.35 13.71
C SER A 647 -0.49 -15.40 12.53
N ASP A 648 -1.43 -15.65 11.63
CA ASP A 648 -1.63 -14.81 10.45
C ASP A 648 -1.93 -13.36 10.84
N LEU A 649 -2.77 -13.20 11.87
CA LEU A 649 -3.18 -11.88 12.32
C LEU A 649 -2.00 -11.09 12.88
N ARG A 650 -1.30 -11.68 13.85
CA ARG A 650 -0.17 -11.02 14.49
C ARG A 650 0.97 -10.75 13.52
N HIS A 651 1.21 -11.70 12.61
CA HIS A 651 2.26 -11.53 11.60
C HIS A 651 1.88 -10.39 10.67
N ALA A 652 0.60 -10.34 10.31
CA ALA A 652 0.06 -9.24 9.49
C ALA A 652 0.30 -7.91 10.16
N MET A 653 0.06 -7.85 11.47
CA MET A 653 0.32 -6.64 12.24
C MET A 653 1.81 -6.28 12.17
N ALA A 654 2.66 -7.29 12.30
CA ALA A 654 4.10 -7.09 12.29
C ALA A 654 4.59 -6.48 10.98
N ASN A 655 4.13 -7.04 9.85
CA ASN A 655 4.53 -6.51 8.56
C ASN A 655 3.93 -5.13 8.30
N CYS A 656 2.64 -4.99 8.59
CA CYS A 656 1.92 -3.73 8.39
C CYS A 656 2.54 -2.60 9.19
N PHE A 657 3.12 -2.92 10.34
CA PHE A 657 3.80 -1.90 11.14
C PHE A 657 5.02 -1.36 10.41
N GLN A 658 5.81 -2.27 9.85
CA GLN A 658 6.97 -1.89 9.05
C GLN A 658 6.53 -1.06 7.85
N ALA A 659 5.41 -1.44 7.25
CA ALA A 659 4.84 -0.67 6.16
C ALA A 659 4.52 0.76 6.63
N LEU A 660 3.96 0.86 7.83
CA LEU A 660 3.58 2.14 8.41
C LEU A 660 4.80 3.03 8.61
N ILE A 661 5.80 2.52 9.34
CA ILE A 661 6.99 3.31 9.64
C ILE A 661 7.77 3.64 8.37
N GLY A 662 7.61 2.79 7.35
CA GLY A 662 8.20 3.05 6.04
C GLY A 662 7.53 4.24 5.39
N ALA A 663 6.20 4.27 5.44
CA ALA A 663 5.44 5.38 4.87
C ALA A 663 5.74 6.69 5.60
N VAL A 664 5.79 6.62 6.93
CA VAL A 664 6.13 7.76 7.75
C VAL A 664 7.53 8.26 7.41
N TYR A 665 8.44 7.32 7.18
CA TYR A 665 9.79 7.66 6.76
C TYR A 665 9.78 8.35 5.39
N LEU A 666 8.83 7.96 4.56
CA LEU A 666 8.76 8.49 3.20
C LEU A 666 8.20 9.93 3.17
N GLU A 667 6.95 10.08 3.58
CA GLU A 667 6.31 11.39 3.55
C GLU A 667 6.93 12.32 4.59
N GLY A 668 6.82 11.96 5.85
CA GLY A 668 7.46 12.72 6.92
C GLY A 668 8.96 12.47 6.90
N SER A 669 9.71 13.30 7.61
CA SER A 669 11.16 13.19 7.63
C SER A 669 11.61 11.92 8.37
N LEU A 670 12.90 11.63 8.30
CA LEU A 670 13.47 10.50 9.01
C LEU A 670 13.31 10.68 10.51
N GLU A 671 13.39 11.93 10.96
CA GLU A 671 13.26 12.27 12.37
C GLU A 671 11.88 11.89 12.89
N GLU A 672 10.88 11.87 12.01
CA GLU A 672 9.53 11.47 12.37
C GLU A 672 9.49 9.96 12.63
N ALA A 673 10.26 9.22 11.85
CA ALA A 673 10.39 7.78 12.04
C ALA A 673 11.12 7.48 13.33
N LYS A 674 12.17 8.27 13.61
CA LYS A 674 12.90 8.17 14.86
C LYS A 674 11.99 8.40 16.05
N GLN A 675 11.19 9.45 15.98
CA GLN A 675 10.26 9.79 17.05
C GLN A 675 9.20 8.72 17.22
N LEU A 676 8.68 8.20 16.12
CA LEU A 676 7.64 7.17 16.16
C LEU A 676 8.18 5.90 16.83
N PHE A 677 9.23 5.34 16.25
CA PHE A 677 9.80 4.10 16.75
C PHE A 677 10.30 4.25 18.18
N GLY A 678 10.90 5.40 18.47
CA GLY A 678 11.42 5.69 19.80
C GLY A 678 10.31 5.77 20.84
N ARG A 679 9.25 6.49 20.52
CA ARG A 679 8.11 6.62 21.41
C ARG A 679 7.41 5.29 21.61
N LEU A 680 7.43 4.44 20.58
CA LEU A 680 6.74 3.16 20.65
C LEU A 680 7.55 2.10 21.39
N LEU A 681 8.87 2.25 21.40
CA LEU A 681 9.73 1.29 22.07
C LEU A 681 9.49 1.26 23.58
N PHE A 682 10.02 2.25 24.29
CA PHE A 682 9.95 2.28 25.74
C PHE A 682 8.66 2.90 26.25
N ASN A 683 8.00 2.21 27.17
CA ASN A 683 6.75 2.70 27.75
C ASN A 683 7.00 3.87 28.71
N ASP A 684 8.09 3.79 29.46
CA ASP A 684 8.48 4.87 30.36
C ASP A 684 9.01 6.07 29.57
N PRO A 685 8.34 7.22 29.72
CA PRO A 685 8.70 8.45 29.00
C PRO A 685 10.07 9.00 29.41
N ASP A 686 10.67 8.42 30.44
CA ASP A 686 11.98 8.85 30.91
C ASP A 686 13.09 8.15 30.16
N LEU A 687 12.77 7.00 29.58
CA LEU A 687 13.74 6.23 28.81
C LEU A 687 13.81 6.74 27.37
N ARG A 688 12.72 7.32 26.90
CA ARG A 688 12.64 7.83 25.54
C ARG A 688 13.56 9.02 25.33
N GLU A 689 13.76 9.81 26.38
CA GLU A 689 14.60 11.00 26.30
C GLU A 689 16.06 10.62 26.02
N VAL A 690 16.43 9.39 26.39
CA VAL A 690 17.78 8.89 26.14
C VAL A 690 17.89 8.26 24.76
N TRP A 691 16.90 7.45 24.40
CA TRP A 691 16.88 6.77 23.11
C TRP A 691 16.83 7.76 21.95
N LEU A 692 15.97 8.76 22.07
CA LEU A 692 15.79 9.75 21.02
C LEU A 692 16.99 10.69 20.93
N ASN A 693 17.53 11.08 22.08
CA ASN A 693 18.66 11.99 22.14
C ASN A 693 19.97 11.26 22.39
N TYR A 694 20.42 10.49 21.41
CA TYR A 694 21.68 9.76 21.52
C TYR A 694 22.87 10.71 21.43
N PRO A 695 23.89 10.49 22.26
CA PRO A 695 25.06 11.36 22.32
C PRO A 695 25.98 11.20 21.12
N LEU A 696 26.90 12.14 20.93
CA LEU A 696 27.87 12.06 19.85
C LEU A 696 28.86 10.93 20.08
N HIS A 697 29.62 10.58 19.06
CA HIS A 697 30.62 9.54 19.17
C HIS A 697 31.77 10.00 20.07
N PRO A 698 32.33 9.08 20.87
CA PRO A 698 33.47 9.34 21.76
C PRO A 698 34.61 10.08 21.07
N LEU A 699 34.85 9.78 19.79
CA LEU A 699 35.92 10.44 19.04
C LEU A 699 35.51 11.84 18.61
N GLN A 700 34.23 12.14 18.72
CA GLN A 700 33.73 13.50 18.46
C GLN A 700 33.50 14.22 19.78
N LEU A 701 33.34 13.45 20.86
CA LEU A 701 33.08 14.00 22.17
C LEU A 701 34.29 14.74 22.71
N GLN A 702 35.47 14.14 22.52
CA GLN A 702 36.72 14.70 23.02
C GLN A 702 37.05 16.03 22.36
N GLU A 703 36.86 16.10 21.06
CA GLU A 703 37.14 17.33 20.31
C GLU A 703 35.86 17.98 19.80
N PRO A 704 35.46 19.10 20.43
CA PRO A 704 34.23 19.83 20.10
C PRO A 704 34.15 20.25 18.63
N ASN A 705 35.20 20.89 18.14
CA ASN A 705 35.22 21.40 16.77
C ASN A 705 35.65 20.35 15.75
N THR A 706 36.94 20.04 15.73
CA THR A 706 37.47 19.08 14.77
C THR A 706 38.79 18.47 15.23
N ASP A 707 39.38 17.65 14.37
CA ASP A 707 40.66 17.02 14.66
C ASP A 707 41.76 17.55 13.75
N ARG A 708 41.46 18.65 13.06
CA ARG A 708 42.44 19.29 12.16
C ARG A 708 43.67 19.76 12.93
N GLN A 709 43.48 20.05 14.21
CA GLN A 709 44.58 20.45 15.08
C GLN A 709 45.52 19.27 15.35
N LEU A 710 44.97 18.07 15.30
CA LEU A 710 45.72 16.86 15.63
C LEU A 710 46.48 16.30 14.43
N ILE A 711 46.16 16.80 13.23
CA ILE A 711 46.79 16.33 12.02
C ILE A 711 48.29 16.67 11.97
N GLU A 712 48.64 17.85 12.48
CA GLU A 712 50.02 18.32 12.50
C GLU A 712 50.97 17.32 13.13
N THR A 713 50.54 16.70 14.23
CA THR A 713 51.34 15.70 14.91
C THR A 713 50.71 14.31 14.81
N SER A 714 50.20 13.99 13.63
CA SER A 714 49.56 12.70 13.41
C SER A 714 50.42 11.78 12.55
N PRO A 715 50.45 10.49 12.89
CA PRO A 715 51.22 9.50 12.12
C PRO A 715 50.45 8.90 10.95
N VAL A 716 49.15 8.65 11.13
CA VAL A 716 48.36 7.95 10.12
C VAL A 716 47.52 8.91 9.28
N LEU A 717 47.08 10.01 9.89
CA LEU A 717 46.21 10.97 9.22
C LEU A 717 46.90 11.60 7.99
N GLN A 718 48.22 11.61 8.00
CA GLN A 718 48.99 12.09 6.86
C GLN A 718 48.65 11.29 5.61
N LYS A 719 48.56 9.97 5.77
CA LYS A 719 48.17 9.09 4.69
C LYS A 719 46.73 9.33 4.28
N LEU A 720 45.86 9.45 5.28
CA LEU A 720 44.42 9.61 5.04
C LEU A 720 44.08 10.94 4.39
N THR A 721 45.01 11.89 4.43
CA THR A 721 44.82 13.18 3.76
C THR A 721 44.70 12.97 2.25
N GLU A 722 45.52 12.06 1.71
CA GLU A 722 45.45 11.70 0.30
C GLU A 722 44.08 11.10 -0.03
N PHE A 723 43.59 10.26 0.86
CA PHE A 723 42.29 9.61 0.69
C PHE A 723 41.18 10.65 0.78
N GLU A 724 41.43 11.73 1.49
CA GLU A 724 40.48 12.84 1.59
C GLU A 724 40.47 13.66 0.31
N GLU A 725 41.65 13.85 -0.28
CA GLU A 725 41.78 14.66 -1.48
C GLU A 725 41.26 13.94 -2.72
N ALA A 726 41.52 12.63 -2.79
CA ALA A 726 41.14 11.83 -3.95
C ALA A 726 39.63 11.69 -4.08
N ILE A 727 38.93 11.81 -2.95
CA ILE A 727 37.48 11.70 -2.95
C ILE A 727 36.85 13.10 -2.80
N GLY A 728 37.65 14.05 -2.34
CA GLY A 728 37.18 15.40 -2.17
C GLY A 728 36.35 15.57 -0.91
N VAL A 729 36.42 14.58 -0.03
CA VAL A 729 35.71 14.63 1.24
C VAL A 729 36.63 15.12 2.34
N ILE A 730 36.34 16.31 2.86
CA ILE A 730 37.14 16.91 3.92
C ILE A 730 36.55 16.57 5.28
N PHE A 731 37.01 15.46 5.86
CA PHE A 731 36.49 14.97 7.14
C PHE A 731 36.64 15.99 8.27
N THR A 732 35.65 16.04 9.14
CA THR A 732 35.70 16.89 10.32
C THR A 732 36.51 16.22 11.41
N HIS A 733 36.02 15.08 11.91
CA HIS A 733 36.76 14.28 12.88
C HIS A 733 37.40 13.09 12.20
N VAL A 734 38.70 13.20 11.93
CA VAL A 734 39.43 12.18 11.18
C VAL A 734 39.59 10.89 11.96
N ARG A 735 39.33 10.93 13.26
CA ARG A 735 39.41 9.75 14.11
C ARG A 735 38.41 8.68 13.67
N LEU A 736 37.29 9.13 13.13
CA LEU A 736 36.25 8.22 12.64
C LEU A 736 36.71 7.49 11.39
N LEU A 737 37.22 8.25 10.42
CA LEU A 737 37.74 7.69 9.19
C LEU A 737 38.92 6.76 9.47
N ALA A 738 39.72 7.14 10.45
CA ALA A 738 40.87 6.33 10.87
C ALA A 738 40.39 5.05 11.53
N ARG A 739 39.27 5.13 12.22
CA ARG A 739 38.68 3.95 12.85
C ARG A 739 38.13 3.00 11.78
N ALA A 740 37.54 3.57 10.74
CA ALA A 740 36.93 2.79 9.67
C ALA A 740 37.95 1.93 8.93
N PHE A 741 39.22 2.32 9.01
CA PHE A 741 40.28 1.59 8.32
C PHE A 741 41.12 0.77 9.29
N THR A 742 40.69 0.72 10.54
CA THR A 742 41.40 -0.06 11.57
C THR A 742 40.87 -1.48 11.62
N LEU A 743 41.60 -2.40 10.99
CA LEU A 743 41.16 -3.79 10.89
C LEU A 743 41.04 -4.49 12.24
N ARG A 744 40.50 -5.70 12.23
CA ARG A 744 40.26 -6.46 13.45
C ARG A 744 41.55 -6.96 14.10
N THR A 745 42.68 -6.68 13.46
CA THR A 745 43.98 -7.09 13.99
C THR A 745 44.37 -6.28 15.22
N VAL A 746 44.46 -4.96 15.05
CA VAL A 746 44.87 -4.07 16.13
C VAL A 746 43.77 -3.95 17.19
N GLY A 747 44.17 -3.59 18.41
CA GLY A 747 43.23 -3.45 19.50
C GLY A 747 42.82 -2.01 19.74
N PHE A 748 43.54 -1.32 20.62
CA PHE A 748 43.22 0.06 20.97
C PHE A 748 44.41 0.98 20.72
N ASN A 749 44.14 2.27 20.55
CA ASN A 749 45.18 3.25 20.28
C ASN A 749 44.71 4.67 20.59
N HIS A 750 45.64 5.62 20.60
CA HIS A 750 45.32 7.01 20.87
C HIS A 750 44.52 7.63 19.73
N LEU A 751 44.97 7.40 18.50
CA LEU A 751 44.28 7.90 17.32
C LEU A 751 42.89 7.27 17.18
N THR A 752 42.79 6.00 17.58
CA THR A 752 41.55 5.25 17.41
C THR A 752 41.36 4.21 18.49
N LEU A 753 40.21 4.26 19.16
CA LEU A 753 39.83 3.26 20.15
C LEU A 753 39.01 2.15 19.50
N GLY A 754 39.58 0.95 19.44
CA GLY A 754 38.88 -0.19 18.86
C GLY A 754 39.00 -0.28 17.35
N HIS A 755 38.34 -1.28 16.77
CA HIS A 755 38.37 -1.48 15.33
C HIS A 755 37.05 -1.05 14.68
N ASN A 756 36.93 -1.25 13.37
CA ASN A 756 35.73 -0.84 12.65
C ASN A 756 34.68 -1.94 12.54
N GLN A 757 34.66 -2.86 13.50
CA GLN A 757 33.70 -3.94 13.46
C GLN A 757 32.31 -3.44 13.87
N ARG A 758 32.26 -2.25 14.44
CA ARG A 758 31.00 -1.60 14.74
C ARG A 758 30.50 -0.84 13.51
N MET A 759 31.43 -0.15 12.85
CA MET A 759 31.11 0.61 11.65
C MET A 759 30.81 -0.31 10.47
N GLU A 760 31.14 -1.59 10.62
CA GLU A 760 30.74 -2.59 9.64
C GLU A 760 29.25 -2.87 9.79
N PHE A 761 28.82 -2.94 11.04
CA PHE A 761 27.42 -3.14 11.39
C PHE A 761 26.57 -1.94 10.97
N LEU A 762 26.92 -0.78 11.51
CA LEU A 762 26.24 0.47 11.17
C LEU A 762 26.30 0.74 9.67
N GLY A 763 27.47 0.47 9.08
CA GLY A 763 27.67 0.66 7.65
C GLY A 763 26.74 -0.21 6.82
N ASP A 764 26.65 -1.49 7.17
CA ASP A 764 25.74 -2.41 6.50
C ASP A 764 24.32 -1.88 6.60
N SER A 765 23.96 -1.40 7.79
CA SER A 765 22.63 -0.86 8.02
C SER A 765 22.30 0.34 7.10
N ILE A 766 23.14 1.37 7.15
CA ILE A 766 22.90 2.58 6.36
C ILE A 766 22.94 2.28 4.87
N MET A 767 23.84 1.40 4.44
CA MET A 767 23.89 1.00 3.04
C MET A 767 22.58 0.37 2.60
N GLN A 768 22.10 -0.60 3.40
CA GLN A 768 20.84 -1.26 3.09
C GLN A 768 19.69 -0.26 3.02
N LEU A 769 19.68 0.70 3.96
CA LEU A 769 18.64 1.72 3.99
C LEU A 769 18.63 2.58 2.73
N VAL A 770 19.77 3.21 2.43
CA VAL A 770 19.88 4.09 1.28
C VAL A 770 19.56 3.37 -0.03
N ALA A 771 20.12 2.18 -0.19
CA ALA A 771 19.86 1.36 -1.38
C ALA A 771 18.37 1.06 -1.50
N THR A 772 17.76 0.68 -0.38
CA THR A 772 16.33 0.37 -0.34
C THR A 772 15.50 1.56 -0.78
N GLU A 773 15.83 2.74 -0.26
CA GLU A 773 15.10 3.96 -0.63
C GLU A 773 15.25 4.26 -2.12
N TYR A 774 16.49 4.19 -2.62
CA TYR A 774 16.76 4.46 -4.03
C TYR A 774 15.95 3.53 -4.94
N LEU A 775 15.97 2.24 -4.62
CA LEU A 775 15.26 1.27 -5.44
C LEU A 775 13.75 1.38 -5.29
N PHE A 776 13.31 1.89 -4.14
CA PHE A 776 11.88 2.08 -3.91
C PHE A 776 11.35 3.24 -4.73
N ILE A 777 12.12 4.33 -4.78
CA ILE A 777 11.68 5.54 -5.46
C ILE A 777 11.79 5.43 -6.99
N HIS A 778 12.95 4.96 -7.46
CA HIS A 778 13.23 4.94 -8.89
C HIS A 778 12.72 3.68 -9.60
N PHE A 779 12.00 2.85 -8.87
CA PHE A 779 11.35 1.68 -9.45
C PHE A 779 9.99 1.44 -8.80
N PRO A 780 9.00 2.30 -9.08
CA PRO A 780 7.70 2.27 -8.42
C PRO A 780 6.76 1.19 -8.94
N ASP A 781 7.19 0.45 -9.96
CA ASP A 781 6.33 -0.57 -10.54
C ASP A 781 6.80 -1.98 -10.21
N HIS A 782 8.03 -2.07 -9.69
CA HIS A 782 8.59 -3.35 -9.28
C HIS A 782 8.01 -3.78 -7.94
N HIS A 783 7.64 -5.05 -7.84
CA HIS A 783 7.11 -5.57 -6.58
C HIS A 783 8.25 -5.90 -5.61
N GLU A 784 7.90 -6.50 -4.48
CA GLU A 784 8.85 -6.80 -3.42
C GLU A 784 10.01 -7.68 -3.89
N GLY A 785 9.68 -8.73 -4.64
CA GLY A 785 10.67 -9.65 -5.15
C GLY A 785 11.68 -9.01 -6.07
N HIS A 786 11.20 -8.17 -6.98
CA HIS A 786 12.06 -7.48 -7.93
C HIS A 786 13.03 -6.53 -7.22
N LEU A 787 12.51 -5.77 -6.27
CA LEU A 787 13.34 -4.84 -5.50
C LEU A 787 14.37 -5.61 -4.69
N THR A 788 13.96 -6.74 -4.13
CA THR A 788 14.86 -7.60 -3.36
C THR A 788 15.99 -8.11 -4.24
N LEU A 789 15.66 -8.56 -5.44
CA LEU A 789 16.63 -9.05 -6.40
C LEU A 789 17.62 -7.96 -6.80
N LEU A 790 17.08 -6.82 -7.24
CA LEU A 790 17.89 -5.70 -7.68
C LEU A 790 18.82 -5.22 -6.58
N ARG A 791 18.33 -5.25 -5.33
CA ARG A 791 19.15 -4.84 -4.19
C ARG A 791 20.23 -5.88 -3.91
N SER A 792 19.89 -7.15 -4.09
CA SER A 792 20.84 -8.24 -3.88
C SER A 792 21.95 -8.19 -4.91
N SER A 793 21.66 -7.62 -6.07
CA SER A 793 22.68 -7.46 -7.11
C SER A 793 23.33 -6.08 -7.04
N LEU A 794 22.77 -5.20 -6.21
CA LEU A 794 23.29 -3.84 -6.08
C LEU A 794 24.22 -3.72 -4.88
N VAL A 795 23.79 -4.25 -3.74
CA VAL A 795 24.60 -4.19 -2.52
C VAL A 795 24.85 -5.59 -1.97
N ASN A 796 25.81 -6.29 -2.55
CA ASN A 796 26.25 -7.57 -2.04
C ASN A 796 27.71 -7.50 -1.62
N ASN A 797 28.32 -8.65 -1.37
CA ASN A 797 29.71 -8.70 -0.95
C ASN A 797 30.67 -8.29 -2.06
N ARG A 798 30.63 -9.03 -3.16
CA ARG A 798 31.53 -8.82 -4.29
C ARG A 798 31.42 -7.42 -4.88
N THR A 799 30.22 -6.85 -4.81
CA THR A 799 29.97 -5.53 -5.37
C THR A 799 30.68 -4.43 -4.59
N GLN A 800 30.35 -4.31 -3.31
CA GLN A 800 30.93 -3.28 -2.46
C GLN A 800 32.43 -3.53 -2.27
N ALA A 801 32.85 -4.78 -2.39
CA ALA A 801 34.27 -5.10 -2.36
C ALA A 801 34.95 -4.57 -3.61
N LYS A 802 34.28 -4.73 -4.75
CA LYS A 802 34.79 -4.24 -6.02
C LYS A 802 34.92 -2.72 -6.00
N VAL A 803 33.90 -2.06 -5.45
CA VAL A 803 33.92 -0.61 -5.30
C VAL A 803 35.06 -0.17 -4.37
N ALA A 804 35.20 -0.89 -3.26
CA ALA A 804 36.26 -0.60 -2.29
C ALA A 804 37.63 -0.72 -2.92
N GLU A 805 37.81 -1.72 -3.77
CA GLU A 805 39.08 -1.91 -4.46
C GLU A 805 39.31 -0.83 -5.52
N GLU A 806 38.23 -0.44 -6.19
CA GLU A 806 38.29 0.58 -7.23
C GLU A 806 38.69 1.94 -6.66
N LEU A 807 38.22 2.22 -5.45
CA LEU A 807 38.57 3.47 -4.78
C LEU A 807 40.00 3.41 -4.22
N GLY A 808 40.51 2.20 -4.04
CA GLY A 808 41.86 2.01 -3.55
C GLY A 808 41.96 2.16 -2.05
N MET A 809 41.08 1.48 -1.32
CA MET A 809 41.07 1.53 0.13
C MET A 809 42.04 0.51 0.73
N GLN A 810 42.71 -0.25 -0.13
CA GLN A 810 43.65 -1.26 0.32
C GLN A 810 44.87 -0.65 0.99
N GLU A 811 45.45 0.37 0.35
CA GLU A 811 46.67 0.99 0.84
C GLU A 811 46.46 1.80 2.12
N TYR A 812 45.22 2.26 2.34
CA TYR A 812 44.92 3.09 3.49
C TYR A 812 44.41 2.27 4.68
N ALA A 813 44.52 0.95 4.57
CA ALA A 813 44.12 0.07 5.66
C ALA A 813 45.11 0.14 6.81
N ILE A 814 44.64 -0.15 8.03
CA ILE A 814 45.49 -0.10 9.21
C ILE A 814 45.51 -1.45 9.92
N THR A 815 46.65 -2.14 9.84
CA THR A 815 46.80 -3.44 10.48
C THR A 815 48.22 -3.62 11.05
N ASN A 816 48.32 -4.32 12.17
CA ASN A 816 49.59 -4.57 12.85
C ASN A 816 50.38 -3.29 13.10
N ASP A 817 51.68 -3.35 12.87
CA ASP A 817 52.55 -2.18 13.00
C ASP A 817 53.45 -2.06 11.78
N LYS A 818 54.17 -3.14 11.47
CA LYS A 818 55.06 -3.16 10.32
C LYS A 818 55.18 -4.59 9.79
N THR A 819 54.38 -5.49 10.35
CA THR A 819 54.40 -6.89 9.96
C THR A 819 53.81 -7.10 8.58
N LYS A 820 52.91 -6.22 8.19
CA LYS A 820 52.20 -6.33 6.92
C LYS A 820 53.04 -5.80 5.76
N ARG A 821 53.84 -6.67 5.16
CA ARG A 821 54.68 -6.26 4.03
C ARG A 821 53.86 -6.06 2.74
N PRO A 822 53.01 -7.02 2.35
CA PRO A 822 52.24 -6.75 1.14
C PRO A 822 50.84 -6.23 1.43
N VAL A 823 50.22 -5.59 0.43
CA VAL A 823 48.87 -5.10 0.57
C VAL A 823 47.88 -6.10 -0.03
N ALA A 824 47.81 -7.28 0.57
CA ALA A 824 46.91 -8.32 0.12
C ALA A 824 45.76 -8.50 1.10
N LEU A 825 44.56 -8.10 0.68
CA LEU A 825 43.39 -8.16 1.54
C LEU A 825 42.31 -9.08 0.98
N ARG A 826 41.57 -9.72 1.88
CA ARG A 826 40.47 -10.59 1.49
C ARG A 826 39.33 -9.75 0.91
N THR A 827 38.52 -10.38 0.05
CA THR A 827 37.35 -9.72 -0.55
C THR A 827 36.39 -9.20 0.51
N LYS A 828 36.05 -10.07 1.46
CA LYS A 828 35.15 -9.73 2.56
C LYS A 828 35.72 -8.57 3.38
N THR A 829 37.03 -8.55 3.55
CA THR A 829 37.71 -7.47 4.27
C THR A 829 37.50 -6.14 3.56
N LEU A 830 37.61 -6.17 2.23
CA LEU A 830 37.38 -4.97 1.43
C LEU A 830 35.93 -4.51 1.55
N ALA A 831 35.02 -5.47 1.56
CA ALA A 831 33.60 -5.17 1.77
C ALA A 831 33.41 -4.45 3.11
N ASP A 832 34.06 -4.97 4.14
CA ASP A 832 34.01 -4.38 5.47
C ASP A 832 34.60 -2.98 5.47
N LEU A 833 35.62 -2.76 4.65
CA LEU A 833 36.25 -1.45 4.54
C LEU A 833 35.29 -0.44 3.91
N LEU A 834 34.58 -0.88 2.87
CA LEU A 834 33.61 -0.01 2.20
C LEU A 834 32.47 0.35 3.16
N GLN A 835 31.91 -0.68 3.81
CA GLN A 835 30.83 -0.47 4.78
C GLN A 835 31.25 0.47 5.91
N SER A 836 32.44 0.22 6.45
CA SER A 836 32.96 1.03 7.56
C SER A 836 33.21 2.46 7.12
N PHE A 837 33.68 2.65 5.89
CA PHE A 837 33.89 4.00 5.37
C PHE A 837 32.57 4.73 5.22
N ILE A 838 31.54 4.01 4.77
CA ILE A 838 30.23 4.61 4.62
C ILE A 838 29.63 4.99 5.97
N ALA A 839 29.84 4.13 6.97
CA ALA A 839 29.40 4.41 8.33
C ALA A 839 30.09 5.65 8.89
N ALA A 840 31.41 5.70 8.74
CA ALA A 840 32.20 6.83 9.20
C ALA A 840 31.78 8.12 8.50
N LEU A 841 31.43 7.99 7.21
CA LEU A 841 30.96 9.12 6.43
C LEU A 841 29.62 9.61 6.97
N TYR A 842 28.74 8.68 7.32
CA TYR A 842 27.45 9.03 7.89
C TYR A 842 27.60 9.72 9.24
N ILE A 843 28.50 9.22 10.07
CA ILE A 843 28.73 9.78 11.40
C ILE A 843 29.33 11.18 11.31
N ASP A 844 30.38 11.32 10.52
CA ASP A 844 31.05 12.61 10.37
C ASP A 844 30.21 13.61 9.60
N LYS A 845 29.31 13.10 8.76
CA LYS A 845 28.42 13.95 7.97
C LYS A 845 26.96 13.58 8.21
N ASP A 846 26.30 13.09 7.17
CA ASP A 846 24.90 12.71 7.24
C ASP A 846 24.53 11.73 6.12
N LEU A 847 23.24 11.47 5.95
CA LEU A 847 22.78 10.50 4.97
C LEU A 847 22.90 11.03 3.54
N GLU A 848 23.05 12.34 3.38
CA GLU A 848 23.17 12.93 2.05
C GLU A 848 24.49 12.57 1.40
N TYR A 849 25.57 12.63 2.17
CA TYR A 849 26.90 12.25 1.67
C TYR A 849 26.93 10.77 1.31
N VAL A 850 26.23 9.97 2.10
CA VAL A 850 26.13 8.53 1.84
C VAL A 850 25.37 8.29 0.54
N HIS A 851 24.23 8.96 0.41
CA HIS A 851 23.40 8.84 -0.78
C HIS A 851 24.15 9.25 -2.03
N THR A 852 24.93 10.33 -1.93
CA THR A 852 25.76 10.79 -3.04
C THR A 852 26.81 9.76 -3.39
N PHE A 853 27.51 9.29 -2.35
CA PHE A 853 28.56 8.29 -2.51
C PHE A 853 28.05 7.05 -3.25
N MET A 854 26.88 6.56 -2.85
CA MET A 854 26.29 5.39 -3.48
C MET A 854 25.64 5.74 -4.82
N ASN A 855 25.43 7.03 -5.06
CA ASN A 855 24.87 7.49 -6.33
C ASN A 855 25.95 7.64 -7.38
N VAL A 856 27.20 7.68 -6.93
CA VAL A 856 28.33 7.76 -7.86
C VAL A 856 29.06 6.43 -7.95
N CYS A 857 28.93 5.60 -6.92
CA CYS A 857 29.71 4.36 -6.87
C CYS A 857 28.87 3.07 -6.85
N PHE A 858 27.56 3.19 -7.00
CA PHE A 858 26.71 2.00 -6.96
C PHE A 858 25.51 2.04 -7.89
N PHE A 859 24.60 2.97 -7.64
CA PHE A 859 23.30 3.01 -8.31
C PHE A 859 23.35 3.01 -9.85
N PRO A 860 24.03 3.99 -10.47
CA PRO A 860 23.93 4.04 -11.94
C PRO A 860 24.63 2.88 -12.62
N ARG A 861 25.48 2.17 -11.87
CA ARG A 861 26.20 1.02 -12.40
C ARG A 861 25.45 -0.28 -12.13
N LEU A 862 24.20 -0.16 -11.70
CA LEU A 862 23.36 -1.33 -11.41
C LEU A 862 23.41 -2.36 -12.52
N LYS A 863 23.07 -1.91 -13.73
CA LYS A 863 23.11 -2.76 -14.92
C LYS A 863 24.48 -3.42 -15.06
N GLU A 864 25.54 -2.62 -14.91
CA GLU A 864 26.90 -3.13 -14.99
C GLU A 864 27.13 -4.21 -13.95
N PHE A 865 26.60 -4.00 -12.75
CA PHE A 865 26.76 -4.95 -11.65
C PHE A 865 26.10 -6.29 -11.95
N ILE A 866 25.25 -6.32 -12.97
CA ILE A 866 24.59 -7.55 -13.38
C ILE A 866 25.33 -8.18 -14.56
N LEU A 867 26.05 -7.34 -15.31
CA LEU A 867 26.77 -7.81 -16.49
C LEU A 867 28.02 -8.59 -16.10
N ASN A 868 28.79 -8.05 -15.15
CA ASN A 868 30.01 -8.72 -14.69
C ASN A 868 29.75 -9.57 -13.45
N GLN A 869 28.47 -9.80 -13.16
CA GLN A 869 28.07 -10.63 -12.03
C GLN A 869 28.39 -12.10 -12.28
N ASP A 870 28.29 -12.91 -11.24
CA ASP A 870 28.46 -14.35 -11.38
C ASP A 870 27.39 -14.95 -12.29
N TRP A 871 27.81 -15.85 -13.16
CA TRP A 871 26.90 -16.53 -14.07
C TRP A 871 26.05 -17.60 -13.36
N ASN A 872 24.90 -17.92 -13.95
CA ASN A 872 23.99 -18.91 -13.40
C ASN A 872 23.01 -19.36 -14.47
N ASP A 873 22.45 -18.37 -15.17
CA ASP A 873 21.48 -18.62 -16.23
C ASP A 873 21.37 -17.37 -17.12
N PRO A 874 21.61 -17.53 -18.42
CA PRO A 874 21.47 -16.44 -19.41
C PRO A 874 20.06 -15.85 -19.39
N LYS A 875 19.07 -16.71 -19.14
CA LYS A 875 17.68 -16.28 -19.05
C LYS A 875 17.48 -15.40 -17.83
N SER A 876 18.00 -15.84 -16.69
CA SER A 876 17.87 -15.09 -15.43
C SER A 876 18.67 -13.79 -15.48
N GLN A 877 19.87 -13.86 -16.04
CA GLN A 877 20.73 -12.69 -16.16
C GLN A 877 20.11 -11.65 -17.08
N LEU A 878 19.55 -12.11 -18.19
CA LEU A 878 18.88 -11.22 -19.13
C LEU A 878 17.61 -10.64 -18.52
N GLN A 879 16.92 -11.44 -17.71
CA GLN A 879 15.71 -10.99 -17.04
C GLN A 879 16.02 -9.88 -16.05
N GLN A 880 17.02 -10.11 -15.21
CA GLN A 880 17.42 -9.13 -14.20
C GLN A 880 18.01 -7.89 -14.84
N CYS A 881 18.68 -8.06 -15.98
CA CYS A 881 19.27 -6.94 -16.69
C CYS A 881 18.19 -6.09 -17.37
N CYS A 882 17.15 -6.74 -17.86
CA CYS A 882 16.02 -6.05 -18.48
C CYS A 882 15.10 -5.47 -17.41
N LEU A 883 15.28 -5.92 -16.17
CA LEU A 883 14.49 -5.42 -15.06
C LEU A 883 14.86 -3.99 -14.71
N THR A 884 15.98 -3.52 -15.27
CA THR A 884 16.49 -2.18 -15.00
C THR A 884 15.91 -1.15 -15.97
N LEU A 885 15.30 -1.64 -17.04
CA LEU A 885 14.77 -0.76 -18.09
C LEU A 885 13.71 0.20 -17.57
N ARG A 886 13.53 1.30 -18.30
CA ARG A 886 12.59 2.36 -17.90
C ARG A 886 11.15 1.86 -17.89
N THR A 887 10.70 1.38 -16.74
CA THR A 887 9.34 0.89 -16.59
C THR A 887 8.35 2.06 -16.50
N GLU A 888 7.28 1.97 -17.28
CA GLU A 888 6.30 3.05 -17.35
C GLU A 888 5.29 3.00 -16.21
N GLY A 889 4.20 2.26 -16.42
CA GLY A 889 3.17 2.14 -15.41
C GLY A 889 2.77 0.70 -15.17
N LYS A 890 2.90 -0.12 -16.21
CA LYS A 890 2.59 -1.54 -16.12
C LYS A 890 3.77 -2.29 -15.47
N GLU A 891 3.45 -3.36 -14.73
CA GLU A 891 4.48 -4.15 -14.06
C GLU A 891 5.46 -4.75 -15.05
N PRO A 892 6.76 -4.79 -14.68
CA PRO A 892 7.81 -5.30 -15.56
C PRO A 892 7.60 -6.76 -15.96
N ASP A 893 7.63 -7.02 -17.27
CA ASP A 893 7.39 -8.35 -17.79
C ASP A 893 8.69 -9.15 -17.84
N ILE A 894 8.59 -10.42 -18.20
CA ILE A 894 9.76 -11.29 -18.35
C ILE A 894 10.04 -11.56 -19.83
N PRO A 895 11.32 -11.72 -20.18
CA PRO A 895 11.75 -11.96 -21.57
C PRO A 895 11.01 -13.12 -22.24
N LEU A 896 10.39 -12.84 -23.38
CA LEU A 896 9.64 -13.85 -24.12
C LEU A 896 10.47 -14.45 -25.24
N TYR A 897 10.42 -15.77 -25.36
CA TYR A 897 11.18 -16.48 -26.39
C TYR A 897 10.28 -17.00 -27.49
N LYS A 898 10.53 -16.56 -28.72
CA LYS A 898 9.78 -17.04 -29.87
C LYS A 898 10.67 -17.78 -30.85
N THR A 899 10.34 -19.05 -31.08
CA THR A 899 11.09 -19.88 -32.02
C THR A 899 10.84 -19.43 -33.46
N LEU A 900 11.92 -19.23 -34.21
CA LEU A 900 11.81 -18.77 -35.58
C LEU A 900 12.02 -19.92 -36.58
N GLN A 901 13.15 -20.60 -36.47
CA GLN A 901 13.48 -21.65 -37.43
C GLN A 901 13.61 -23.02 -36.78
N THR A 902 12.90 -24.00 -37.33
CA THR A 902 13.03 -25.38 -36.89
C THR A 902 13.43 -26.25 -38.09
N VAL A 903 14.71 -26.26 -38.41
CA VAL A 903 15.21 -27.01 -39.55
C VAL A 903 16.03 -28.21 -39.14
N GLY A 904 16.43 -29.02 -40.10
CA GLY A 904 17.20 -30.21 -39.84
C GLY A 904 16.35 -31.47 -39.99
N PRO A 905 17.01 -32.62 -40.14
CA PRO A 905 16.32 -33.91 -40.29
C PRO A 905 15.72 -34.41 -38.98
N SER A 906 15.54 -35.73 -38.88
CA SER A 906 15.00 -36.34 -37.67
C SER A 906 16.09 -36.47 -36.61
N HIS A 907 17.33 -36.68 -37.07
CA HIS A 907 18.47 -36.81 -36.16
C HIS A 907 18.85 -35.48 -35.56
N ALA A 908 19.47 -34.63 -36.38
CA ALA A 908 19.89 -33.30 -35.93
C ALA A 908 18.79 -32.28 -36.19
N ARG A 909 18.85 -31.17 -35.47
CA ARG A 909 17.86 -30.11 -35.59
C ARG A 909 18.44 -28.77 -35.15
N THR A 910 18.44 -27.81 -36.07
CA THR A 910 19.00 -26.49 -35.80
C THR A 910 17.92 -25.47 -35.47
N TYR A 911 17.76 -25.17 -34.18
CA TYR A 911 16.74 -24.23 -33.74
C TYR A 911 17.25 -22.80 -33.71
N THR A 912 16.49 -21.90 -34.33
CA THR A 912 16.78 -20.47 -34.28
C THR A 912 15.66 -19.74 -33.56
N VAL A 913 15.98 -19.17 -32.39
CA VAL A 913 15.01 -18.52 -31.53
C VAL A 913 15.42 -17.08 -31.23
N ALA A 914 14.44 -16.19 -31.19
CA ALA A 914 14.70 -14.78 -30.89
C ALA A 914 14.01 -14.34 -29.59
N VAL A 915 14.69 -13.48 -28.84
CA VAL A 915 14.15 -12.98 -27.58
C VAL A 915 13.31 -11.72 -27.80
N TYR A 916 12.11 -11.70 -27.23
CA TYR A 916 11.24 -10.53 -27.35
C TYR A 916 10.82 -10.00 -25.98
N PHE A 917 11.49 -8.94 -25.53
CA PHE A 917 11.13 -8.29 -24.28
C PHE A 917 10.21 -7.10 -24.53
N LYS A 918 8.94 -7.27 -24.17
CA LYS A 918 7.93 -6.22 -24.34
C LYS A 918 7.82 -5.75 -25.78
N GLY A 919 7.83 -6.69 -26.71
CA GLY A 919 7.63 -6.36 -28.12
C GLY A 919 8.90 -6.32 -28.94
N GLU A 920 9.84 -5.47 -28.53
CA GLU A 920 11.08 -5.29 -29.27
C GLU A 920 11.99 -6.52 -29.15
N ARG A 921 12.64 -6.87 -30.25
CA ARG A 921 13.54 -8.02 -30.27
C ARG A 921 14.94 -7.64 -29.79
N ILE A 922 15.45 -8.40 -28.82
CA ILE A 922 16.81 -8.22 -28.34
C ILE A 922 17.64 -9.48 -28.55
N GLY A 923 18.47 -9.46 -29.59
CA GLY A 923 19.34 -10.59 -29.89
C GLY A 923 18.61 -11.80 -30.44
N CYS A 924 19.35 -12.68 -31.10
CA CYS A 924 18.80 -13.91 -31.65
C CYS A 924 19.84 -15.03 -31.65
N GLY A 925 19.43 -16.21 -31.19
CA GLY A 925 20.35 -17.32 -31.03
C GLY A 925 20.00 -18.53 -31.88
N LYS A 926 21.00 -19.37 -32.12
CA LYS A 926 20.84 -20.55 -32.96
C LYS A 926 21.59 -21.74 -32.36
N GLY A 927 20.86 -22.65 -31.75
CA GLY A 927 21.47 -23.80 -31.09
C GLY A 927 20.86 -25.13 -31.48
N PRO A 928 21.51 -26.23 -31.07
CA PRO A 928 21.05 -27.59 -31.37
C PRO A 928 19.82 -28.00 -30.54
N SER A 929 19.60 -27.31 -29.43
CA SER A 929 18.43 -27.56 -28.59
C SER A 929 17.67 -26.26 -28.36
N ILE A 930 16.37 -26.38 -28.09
CA ILE A 930 15.53 -25.20 -27.87
C ILE A 930 16.05 -24.35 -26.71
N GLN A 931 16.37 -25.00 -25.60
CA GLN A 931 16.89 -24.32 -24.42
C GLN A 931 18.24 -23.67 -24.71
N GLN A 932 19.09 -24.39 -25.44
CA GLN A 932 20.42 -23.89 -25.76
C GLN A 932 20.34 -22.77 -26.81
N ALA A 933 19.33 -22.85 -27.67
CA ALA A 933 19.11 -21.83 -28.68
C ALA A 933 18.63 -20.54 -28.04
N GLU A 934 17.67 -20.65 -27.13
CA GLU A 934 17.15 -19.47 -26.45
C GLU A 934 18.15 -18.92 -25.45
N MET A 935 19.04 -19.79 -24.96
CA MET A 935 20.14 -19.35 -24.10
C MET A 935 21.17 -18.60 -24.93
N GLY A 936 21.36 -19.03 -26.17
CA GLY A 936 22.26 -18.35 -27.08
C GLY A 936 21.69 -16.99 -27.45
N ALA A 937 20.37 -16.95 -27.60
CA ALA A 937 19.67 -15.70 -27.88
C ALA A 937 19.78 -14.74 -26.71
N ALA A 938 19.67 -15.30 -25.49
CA ALA A 938 19.81 -14.51 -24.28
C ALA A 938 21.23 -13.95 -24.16
N MET A 939 22.21 -14.77 -24.50
CA MET A 939 23.62 -14.34 -24.47
C MET A 939 23.85 -13.24 -25.50
N ASP A 940 23.21 -13.37 -26.66
CA ASP A 940 23.31 -12.35 -27.70
C ASP A 940 22.65 -11.06 -27.22
N ALA A 941 21.64 -11.19 -26.38
CA ALA A 941 20.94 -10.04 -25.82
C ALA A 941 21.74 -9.41 -24.68
N LEU A 942 22.64 -10.19 -24.10
CA LEU A 942 23.49 -9.70 -23.02
C LEU A 942 24.74 -9.02 -23.58
N GLU A 943 25.19 -9.49 -24.75
CA GLU A 943 26.32 -8.87 -25.42
C GLU A 943 25.94 -7.51 -26.00
N LYS A 944 24.66 -7.36 -26.35
CA LYS A 944 24.17 -6.10 -26.90
C LYS A 944 24.13 -5.00 -25.85
N TYR A 945 24.10 -5.40 -24.57
CA TYR A 945 24.07 -4.44 -23.47
C TYR A 945 25.48 -3.99 -23.08
N ASN A 946 26.46 -4.38 -23.88
CA ASN A 946 27.85 -3.95 -23.66
C ASN A 946 28.28 -2.89 -24.67
N MET B 1 11.48 -15.45 23.63
CA MET B 1 12.32 -16.35 24.42
C MET B 1 13.50 -15.60 25.03
N ALA B 2 14.69 -15.81 24.46
CA ALA B 2 15.89 -15.12 24.93
C ALA B 2 15.78 -13.63 24.67
N ASN B 3 15.11 -13.28 23.57
CA ASN B 3 14.91 -11.89 23.17
C ASN B 3 14.23 -11.06 24.27
N LEU B 4 13.41 -11.72 25.08
CA LEU B 4 12.74 -11.06 26.19
C LEU B 4 13.76 -10.61 27.24
N HIS B 5 14.66 -11.51 27.59
CA HIS B 5 15.72 -11.21 28.54
C HIS B 5 16.66 -10.15 27.98
N ILE B 6 16.95 -10.24 26.69
CA ILE B 6 17.81 -9.27 26.02
C ILE B 6 17.19 -7.86 26.09
N LEU B 7 15.91 -7.78 25.75
CA LEU B 7 15.18 -6.52 25.80
C LEU B 7 15.11 -5.99 27.24
N SER B 8 14.99 -6.90 28.20
CA SER B 8 14.97 -6.53 29.60
C SER B 8 16.28 -5.87 30.01
N LYS B 9 17.39 -6.52 29.65
CA LYS B 9 18.72 -5.97 29.90
C LYS B 9 18.89 -4.61 29.22
N LEU B 10 18.34 -4.49 28.02
CA LEU B 10 18.37 -3.23 27.29
C LEU B 10 17.65 -2.13 28.08
N GLN B 11 16.48 -2.46 28.61
CA GLN B 11 15.71 -1.53 29.42
C GLN B 11 16.48 -1.12 30.66
N GLU B 12 17.16 -2.07 31.27
CA GLU B 12 17.98 -1.80 32.45
C GLU B 12 19.11 -0.81 32.12
N GLU B 13 19.80 -1.07 31.03
CA GLU B 13 20.89 -0.20 30.59
C GLU B 13 20.37 1.20 30.24
N MET B 14 19.16 1.26 29.70
CA MET B 14 18.54 2.54 29.41
C MET B 14 18.21 3.29 30.69
N LYS B 15 17.80 2.55 31.72
CA LYS B 15 17.54 3.15 33.02
C LYS B 15 18.83 3.68 33.64
N ARG B 16 19.93 2.97 33.43
CA ARG B 16 21.23 3.41 33.91
C ARG B 16 21.65 4.69 33.19
N LEU B 17 21.50 4.69 31.87
CA LEU B 17 21.85 5.85 31.05
C LEU B 17 21.00 7.07 31.41
N ALA B 18 19.75 6.83 31.75
CA ALA B 18 18.84 7.91 32.14
C ALA B 18 19.20 8.46 33.52
N GLU B 19 19.49 7.55 34.44
CA GLU B 19 19.91 7.92 35.78
C GLU B 19 21.16 8.79 35.74
N GLU B 20 22.13 8.36 34.94
CA GLU B 20 23.35 9.14 34.74
C GLU B 20 23.06 10.46 34.04
N ARG B 21 22.10 10.42 33.11
CA ARG B 21 21.72 11.59 32.32
C ARG B 21 21.20 12.71 33.21
N GLU B 22 20.31 12.36 34.13
CA GLU B 22 19.77 13.37 35.04
C GLU B 22 20.74 13.65 36.18
N GLU B 23 21.65 12.70 36.41
CA GLU B 23 22.71 12.90 37.41
C GLU B 23 23.66 14.00 36.96
N THR B 24 23.87 14.10 35.66
CA THR B 24 24.72 15.14 35.08
C THR B 24 24.17 16.53 35.41
N ARG B 25 22.86 16.66 35.39
CA ARG B 25 22.19 17.92 35.69
C ARG B 25 22.30 18.28 37.17
N ALA C 2 41.29 -0.82 -10.39
CA ALA C 2 41.36 0.56 -9.96
C ALA C 2 41.01 1.52 -11.09
N ASN C 3 39.91 2.25 -10.93
CA ASN C 3 39.49 3.22 -11.93
C ASN C 3 39.60 4.65 -11.43
N LEU C 4 40.44 5.44 -12.11
CA LEU C 4 40.62 6.84 -11.76
C LEU C 4 39.38 7.65 -12.12
N HIS C 5 38.65 7.18 -13.12
CA HIS C 5 37.47 7.87 -13.61
C HIS C 5 36.38 7.93 -12.54
N ILE C 6 36.15 6.81 -11.87
CA ILE C 6 35.12 6.71 -10.84
C ILE C 6 35.41 7.65 -9.67
N LEU C 7 36.65 7.65 -9.21
CA LEU C 7 37.03 8.51 -8.10
C LEU C 7 37.10 9.97 -8.54
N SER C 8 37.26 10.19 -9.84
CA SER C 8 37.25 11.54 -10.39
C SER C 8 35.84 12.12 -10.35
N LYS C 9 34.87 11.33 -10.81
CA LYS C 9 33.48 11.73 -10.79
C LYS C 9 32.99 11.87 -9.35
N LEU C 10 33.46 10.95 -8.49
CA LEU C 10 33.12 10.98 -7.08
C LEU C 10 33.65 12.23 -6.41
N GLN C 11 34.89 12.60 -6.75
CA GLN C 11 35.48 13.83 -6.23
C GLN C 11 34.70 15.04 -6.74
N GLU C 12 34.25 14.95 -7.98
CA GLU C 12 33.46 16.01 -8.59
C GLU C 12 32.17 16.26 -7.83
N GLU C 13 31.40 15.19 -7.59
CA GLU C 13 30.12 15.32 -6.91
C GLU C 13 30.26 15.64 -5.43
N MET C 14 31.29 15.10 -4.80
CA MET C 14 31.55 15.38 -3.39
C MET C 14 31.93 16.85 -3.20
N LYS C 15 32.77 17.35 -4.10
CA LYS C 15 33.12 18.76 -4.09
C LYS C 15 31.90 19.62 -4.36
N ARG C 16 31.04 19.13 -5.26
CA ARG C 16 29.80 19.83 -5.61
C ARG C 16 28.88 20.00 -4.41
N LEU C 17 28.65 18.89 -3.70
CA LEU C 17 27.77 18.91 -2.53
C LEU C 17 28.38 19.71 -1.38
N ALA C 18 29.69 19.52 -1.17
CA ALA C 18 30.40 20.25 -0.12
C ALA C 18 30.31 21.74 -0.35
N GLU C 19 30.50 22.17 -1.59
CA GLU C 19 30.40 23.58 -1.94
C GLU C 19 28.94 24.05 -1.97
N GLU C 20 28.02 23.10 -2.06
CA GLU C 20 26.60 23.41 -2.04
C GLU C 20 26.14 23.71 -0.61
N ARG C 21 26.75 23.01 0.35
CA ARG C 21 26.44 23.25 1.76
C ARG C 21 27.18 24.47 2.29
N GLU C 22 28.10 25.00 1.48
CA GLU C 22 28.82 26.21 1.83
C GLU C 22 28.05 27.45 1.37
N GLU C 23 27.06 27.23 0.50
CA GLU C 23 26.23 28.32 0.01
C GLU C 23 24.97 28.46 0.84
N THR C 24 24.95 27.81 1.99
CA THR C 24 23.80 27.87 2.90
C THR C 24 24.23 27.71 4.35
#